data_5SA1
#
_entry.id   5SA1
#
_cell.length_a   80.060
_cell.length_b   109.060
_cell.length_c   112.050
_cell.angle_alpha   90.000
_cell.angle_beta   90.000
_cell.angle_gamma   90.000
#
_symmetry.space_group_name_H-M   'P 21 21 21'
#
loop_
_entity.id
_entity.type
_entity.pdbx_description
1 polymer 'N(1),N(8)-bis(glutathionyl)spermidine reductase'
2 non-polymer 'FLAVIN-ADENINE DINUCLEOTIDE'
3 non-polymer 'DIMETHYL SULFOXIDE'
4 non-polymer ~{N}-(4-fluorophenyl)-4-methyl-piperazine-1-carboxamide
5 non-polymer 'MAGNESIUM ION'
6 non-polymer 'BROMIDE ION'
7 water water
#
_entity_poly.entity_id   1
_entity_poly.type   'polypeptide(L)'
_entity_poly.pdbx_seq_one_letter_code
;GSHMSKAFDLVVIGAGSGGLEAGWNAATLYGKRVAVVDVQTSHGPPFYAALGGTCVNVGCVPKKLMVTGAQYMDHLRESA
GFGWEFDGSSVKANWKKLIAAKNEAVLDINKSYEGMFNDTEGLDFFLGWGSLESKNVVVVRETADPKSAVKERLQADHIL
LATGSWPQMPAIPGIEHCISSNEAFYLPEPPRRVLTVGGGFISVEFAGIFNAYKPPGGKVTLCYRNNLILRGFDETIREE
VTKQLTANGIEIMTNENPAKVSLNTDGSKHVTFESGKTLDVDVVMMAIGRIPRTNDLQLGNVGVKLTPKGGVQVDEFSRT
NVPNIYAIGDITDRLMLTPVAINEGAALVDTVFGNKPRKTDHTRVASAVFSIPPIGTCGLIEEVAAKEFEKVAVYMSSFT
PLMHNISGSKYKKFVAKIVTNHSDGTVLGVHLLGDGAPEIIQAVGVCLRLNAKISDFYNTIGVHPTSAEELCSMRTPSYY
YVKGEKMEKLPDSNL
;
_entity_poly.pdbx_strand_id   A,B
#
loop_
_chem_comp.id
_chem_comp.type
_chem_comp.name
_chem_comp.formula
AWD non-polymer ~{N}-(4-fluorophenyl)-4-methyl-piperazine-1-carboxamide 'C12 H16 F N3 O'
BR non-polymer 'BROMIDE ION' 'Br -1'
DMS non-polymer 'DIMETHYL SULFOXIDE' 'C2 H6 O S'
FAD non-polymer 'FLAVIN-ADENINE DINUCLEOTIDE' 'C27 H33 N9 O15 P2'
MG non-polymer 'MAGNESIUM ION' 'Mg 2'
#
# COMPACT_ATOMS: atom_id res chain seq x y z
N LYS A 6 -18.06 -43.67 1.45
CA LYS A 6 -17.38 -43.82 0.12
C LYS A 6 -18.14 -43.05 -0.99
N ALA A 7 -19.38 -42.65 -0.72
CA ALA A 7 -20.22 -41.85 -1.64
C ALA A 7 -20.19 -40.39 -1.20
N PHE A 8 -20.04 -39.48 -2.16
CA PHE A 8 -19.89 -38.02 -1.90
C PHE A 8 -20.64 -37.21 -2.95
N ASP A 9 -21.32 -36.14 -2.51
CA ASP A 9 -21.83 -35.06 -3.37
C ASP A 9 -20.71 -34.59 -4.31
N LEU A 10 -19.54 -34.27 -3.75
CA LEU A 10 -18.39 -33.68 -4.47
C LEU A 10 -17.10 -34.43 -4.09
N VAL A 11 -16.35 -34.91 -5.08
CA VAL A 11 -14.93 -35.31 -4.91
C VAL A 11 -14.06 -34.28 -5.60
N VAL A 12 -13.10 -33.75 -4.85
CA VAL A 12 -12.11 -32.74 -5.30
C VAL A 12 -10.76 -33.42 -5.35
N ILE A 13 -10.13 -33.38 -6.51
CA ILE A 13 -8.74 -33.83 -6.72
C ILE A 13 -7.83 -32.60 -6.73
N GLY A 14 -7.09 -32.46 -5.64
CA GLY A 14 -6.14 -31.37 -5.37
C GLY A 14 -6.69 -30.51 -4.25
N ALA A 15 -6.04 -30.56 -3.10
CA ALA A 15 -6.45 -29.80 -1.89
C ALA A 15 -5.69 -28.49 -1.92
N GLY A 16 -5.87 -27.71 -2.99
CA GLY A 16 -5.15 -26.46 -3.24
C GLY A 16 -6.06 -25.26 -3.13
N SER A 17 -5.61 -24.11 -3.65
CA SER A 17 -6.28 -22.80 -3.50
C SER A 17 -7.76 -22.96 -3.93
N GLY A 18 -7.94 -23.51 -5.13
CA GLY A 18 -9.26 -23.76 -5.76
C GLY A 18 -9.99 -24.91 -5.10
N GLY A 19 -9.31 -26.04 -4.91
CA GLY A 19 -9.93 -27.28 -4.38
C GLY A 19 -10.47 -27.09 -2.98
N LEU A 20 -9.69 -26.45 -2.09
CA LEU A 20 -10.12 -26.28 -0.67
C LEU A 20 -11.27 -25.27 -0.60
N GLU A 21 -11.20 -24.18 -1.37
CA GLU A 21 -12.31 -23.21 -1.37
C GLU A 21 -13.60 -23.95 -1.78
N ALA A 22 -13.59 -24.72 -2.87
CA ALA A 22 -14.78 -25.44 -3.34
C ALA A 22 -15.23 -26.44 -2.27
N GLY A 23 -14.29 -27.26 -1.81
CA GLY A 23 -14.54 -28.30 -0.80
C GLY A 23 -15.22 -27.74 0.44
N TRP A 24 -14.59 -26.75 1.06
N TRP A 24 -14.62 -26.71 1.04
CA TRP A 24 -15.03 -26.10 2.33
CA TRP A 24 -15.04 -26.12 2.34
C TRP A 24 -16.40 -25.45 2.12
C TRP A 24 -16.34 -25.31 2.20
N ASN A 25 -16.56 -24.69 1.03
CA ASN A 25 -17.82 -23.95 0.76
C ASN A 25 -18.95 -24.96 0.65
N ALA A 26 -18.75 -25.99 -0.16
CA ALA A 26 -19.76 -27.04 -0.40
C ALA A 26 -20.21 -27.60 0.96
N ALA A 27 -19.26 -28.05 1.78
CA ALA A 27 -19.50 -28.67 3.09
C ALA A 27 -20.20 -27.67 4.01
N THR A 28 -19.59 -26.52 4.25
CA THR A 28 -20.04 -25.60 5.32
C THR A 28 -21.24 -24.76 4.86
N LEU A 29 -21.39 -24.48 3.56
CA LEU A 29 -22.46 -23.54 3.11
C LEU A 29 -23.71 -24.33 2.69
N TYR A 30 -23.55 -25.54 2.19
CA TYR A 30 -24.65 -26.28 1.52
C TYR A 30 -24.79 -27.67 2.15
N GLY A 31 -24.21 -27.84 3.35
CA GLY A 31 -24.17 -29.12 4.09
C GLY A 31 -23.93 -30.28 3.14
N LYS A 32 -23.05 -30.12 2.14
CA LYS A 32 -22.80 -31.20 1.15
C LYS A 32 -21.70 -32.12 1.68
N ARG A 33 -21.56 -33.30 1.08
CA ARG A 33 -20.58 -34.32 1.55
C ARG A 33 -19.45 -34.39 0.55
N VAL A 34 -18.22 -34.12 1.02
CA VAL A 34 -17.08 -33.74 0.14
C VAL A 34 -15.86 -34.61 0.48
N ALA A 35 -15.24 -35.17 -0.53
CA ALA A 35 -13.93 -35.83 -0.44
C ALA A 35 -12.88 -34.92 -1.10
N VAL A 36 -11.80 -34.58 -0.40
CA VAL A 36 -10.65 -33.90 -1.04
C VAL A 36 -9.42 -34.82 -1.03
N VAL A 37 -8.81 -35.01 -2.21
CA VAL A 37 -7.59 -35.85 -2.46
C VAL A 37 -6.38 -34.94 -2.62
N ASP A 38 -5.27 -35.27 -1.94
CA ASP A 38 -3.92 -34.74 -2.25
C ASP A 38 -2.86 -35.82 -1.94
N VAL A 39 -1.68 -35.63 -2.51
CA VAL A 39 -0.58 -36.63 -2.51
C VAL A 39 0.29 -36.46 -1.25
N GLN A 40 0.05 -35.45 -0.42
CA GLN A 40 0.97 -35.10 0.70
C GLN A 40 0.28 -34.15 1.69
N THR A 41 0.56 -34.32 2.99
CA THR A 41 -0.19 -33.61 4.06
C THR A 41 0.57 -32.35 4.48
N SER A 42 1.85 -32.25 4.13
CA SER A 42 2.68 -31.09 4.53
C SER A 42 3.72 -30.86 3.45
N HIS A 43 4.35 -29.69 3.48
CA HIS A 43 5.21 -29.16 2.42
C HIS A 43 6.47 -29.99 2.23
N GLY A 44 7.01 -29.90 1.02
CA GLY A 44 8.43 -30.18 0.72
C GLY A 44 8.59 -31.50 -0.04
N PRO A 45 9.84 -31.96 -0.20
CA PRO A 45 10.09 -33.19 -0.95
C PRO A 45 9.29 -34.33 -0.31
N PRO A 46 8.88 -35.38 -1.07
CA PRO A 46 9.12 -35.45 -2.51
C PRO A 46 8.18 -34.71 -3.49
N PHE A 47 6.94 -34.37 -3.11
CA PHE A 47 5.89 -33.88 -4.05
C PHE A 47 5.68 -32.36 -3.99
N TYR A 48 6.29 -31.68 -3.01
CA TYR A 48 6.47 -30.21 -2.93
C TYR A 48 5.15 -29.55 -2.54
N ALA A 49 4.18 -29.54 -3.46
CA ALA A 49 2.78 -29.17 -3.15
C ALA A 49 2.17 -30.25 -2.26
N ALA A 50 1.20 -29.86 -1.47
CA ALA A 50 0.58 -30.70 -0.43
C ALA A 50 -0.74 -30.04 -0.07
N LEU A 51 -1.48 -30.64 0.84
CA LEU A 51 -2.61 -30.01 1.56
C LEU A 51 -2.33 -28.49 1.65
N GLY A 52 -3.23 -27.66 1.13
CA GLY A 52 -3.07 -26.20 1.03
C GLY A 52 -2.77 -25.77 -0.39
N GLY A 53 -2.00 -26.58 -1.12
CA GLY A 53 -1.72 -26.43 -2.56
C GLY A 53 -0.41 -25.72 -2.79
N THR A 54 -0.20 -25.33 -4.04
CA THR A 54 1.10 -24.81 -4.54
C THR A 54 1.38 -23.47 -3.86
N CYS A 55 0.38 -22.61 -3.78
CA CYS A 55 0.57 -21.27 -3.20
C CYS A 55 1.12 -21.40 -1.76
N VAL A 56 0.45 -22.18 -0.92
CA VAL A 56 0.80 -22.35 0.52
C VAL A 56 2.20 -22.95 0.66
N ASN A 57 2.46 -24.05 -0.05
CA ASN A 57 3.62 -24.95 0.18
C ASN A 57 4.84 -24.44 -0.58
N VAL A 58 4.73 -24.15 -1.86
CA VAL A 58 5.89 -23.77 -2.74
C VAL A 58 5.52 -22.64 -3.72
N GLY A 59 4.89 -21.57 -3.22
CA GLY A 59 4.38 -20.49 -4.06
C GLY A 59 4.21 -19.20 -3.30
N CYS A 60 3.04 -18.56 -3.45
CA CYS A 60 2.85 -17.16 -3.02
C CYS A 60 3.42 -16.98 -1.60
N VAL A 61 3.04 -17.87 -0.67
CA VAL A 61 3.22 -17.67 0.81
C VAL A 61 4.70 -17.69 1.13
N PRO A 62 5.42 -18.82 0.89
CA PRO A 62 6.85 -18.89 1.17
C PRO A 62 7.62 -17.84 0.36
N LYS A 63 7.28 -17.63 -0.92
CA LYS A 63 7.90 -16.65 -1.86
C LYS A 63 7.85 -15.26 -1.21
N LYS A 64 6.68 -14.88 -0.72
CA LYS A 64 6.46 -13.53 -0.16
C LYS A 64 7.30 -13.37 1.12
N LEU A 65 7.32 -14.37 2.00
CA LEU A 65 8.21 -14.33 3.19
C LEU A 65 9.67 -14.12 2.76
N MET A 66 10.10 -14.80 1.70
CA MET A 66 11.51 -14.81 1.26
C MET A 66 11.82 -13.49 0.57
N VAL A 67 10.87 -12.94 -0.19
CA VAL A 67 11.06 -11.59 -0.77
C VAL A 67 11.11 -10.59 0.38
N THR A 68 10.24 -10.71 1.39
CA THR A 68 10.29 -9.81 2.57
C THR A 68 11.69 -9.90 3.20
N GLY A 69 12.24 -11.11 3.35
CA GLY A 69 13.61 -11.30 3.87
C GLY A 69 14.60 -10.54 2.99
N ALA A 70 14.48 -10.74 1.68
CA ALA A 70 15.36 -10.13 0.66
C ALA A 70 15.33 -8.59 0.76
N GLN A 71 14.17 -8.01 1.07
CA GLN A 71 13.99 -6.54 1.12
C GLN A 71 14.89 -5.95 2.20
N TYR A 72 15.33 -6.71 3.20
CA TYR A 72 16.16 -6.13 4.28
C TYR A 72 17.53 -5.76 3.75
N MET A 73 17.99 -6.33 2.63
CA MET A 73 19.26 -5.87 2.04
C MET A 73 19.13 -4.38 1.70
N ASP A 74 18.01 -4.03 1.07
CA ASP A 74 17.74 -2.61 0.71
C ASP A 74 17.49 -1.80 1.99
N HIS A 75 16.69 -2.29 2.95
CA HIS A 75 16.38 -1.45 4.14
C HIS A 75 17.67 -1.09 4.88
N LEU A 76 18.56 -2.08 5.10
CA LEU A 76 19.80 -1.93 5.89
C LEU A 76 20.63 -0.83 5.23
N ARG A 77 20.77 -0.86 3.89
CA ARG A 77 21.57 0.13 3.13
C ARG A 77 20.84 1.48 3.21
N GLU A 78 19.54 1.49 2.89
CA GLU A 78 18.71 2.72 2.79
C GLU A 78 18.61 3.44 4.14
N SER A 79 18.76 2.73 5.25
CA SER A 79 18.61 3.29 6.61
C SER A 79 19.66 4.40 6.80
N ALA A 80 20.81 4.31 6.14
CA ALA A 80 21.97 5.21 6.36
C ALA A 80 21.59 6.66 5.98
N GLY A 81 20.83 6.84 4.91
CA GLY A 81 20.36 8.18 4.49
C GLY A 81 19.50 8.85 5.54
N PHE A 82 18.85 8.07 6.41
CA PHE A 82 17.96 8.58 7.49
C PHE A 82 18.72 8.65 8.81
N GLY A 83 20.04 8.38 8.78
CA GLY A 83 20.93 8.59 9.93
C GLY A 83 21.19 7.31 10.68
N TRP A 84 20.75 6.15 10.17
CA TRP A 84 21.12 4.90 10.86
C TRP A 84 22.59 4.56 10.57
N GLU A 85 23.27 4.19 11.65
CA GLU A 85 24.72 3.87 11.66
C GLU A 85 24.87 2.48 12.27
N PHE A 86 25.69 1.66 11.64
CA PHE A 86 26.12 0.38 12.21
C PHE A 86 27.28 -0.15 11.40
N ASP A 87 27.85 -1.24 11.90
CA ASP A 87 28.99 -1.91 11.25
C ASP A 87 28.49 -2.66 10.01
N GLY A 88 28.59 -2.04 8.84
CA GLY A 88 28.21 -2.65 7.55
C GLY A 88 28.96 -3.93 7.32
N SER A 89 30.22 -4.00 7.77
CA SER A 89 31.11 -5.18 7.58
C SER A 89 30.62 -6.37 8.43
N SER A 90 29.78 -6.13 9.46
CA SER A 90 29.22 -7.21 10.31
C SER A 90 27.96 -7.84 9.69
N VAL A 91 27.40 -7.28 8.61
CA VAL A 91 26.09 -7.72 8.04
C VAL A 91 26.25 -9.07 7.34
N LYS A 92 25.47 -10.06 7.77
CA LYS A 92 25.38 -11.36 7.08
C LYS A 92 23.91 -11.67 6.87
N ALA A 93 23.59 -12.28 5.72
CA ALA A 93 22.25 -12.80 5.38
C ALA A 93 22.30 -14.31 5.57
N ASN A 94 21.62 -14.79 6.61
CA ASN A 94 21.60 -16.21 7.00
C ASN A 94 20.39 -16.85 6.35
N TRP A 95 20.62 -17.39 5.16
CA TRP A 95 19.67 -18.13 4.31
C TRP A 95 19.08 -19.28 5.12
N LYS A 96 19.88 -20.01 5.90
CA LYS A 96 19.37 -21.20 6.62
C LYS A 96 18.28 -20.79 7.62
N LYS A 97 18.49 -19.68 8.33
N LYS A 97 18.47 -19.67 8.32
CA LYS A 97 17.49 -19.09 9.26
CA LYS A 97 17.44 -19.16 9.27
C LYS A 97 16.20 -18.82 8.47
C LYS A 97 16.17 -18.82 8.47
N LEU A 98 16.31 -18.15 7.32
CA LEU A 98 15.13 -17.74 6.48
C LEU A 98 14.33 -19.00 6.12
N ILE A 99 15.05 -20.02 5.63
CA ILE A 99 14.39 -21.26 5.16
C ILE A 99 13.73 -21.98 6.34
N ALA A 100 14.37 -22.02 7.52
CA ALA A 100 13.80 -22.69 8.70
C ALA A 100 12.53 -21.94 9.14
N ALA A 101 12.57 -20.61 9.15
CA ALA A 101 11.41 -19.76 9.51
C ALA A 101 10.28 -20.00 8.49
N LYS A 102 10.59 -19.97 7.20
CA LYS A 102 9.59 -20.21 6.13
C LYS A 102 8.98 -21.60 6.35
N ASN A 103 9.80 -22.61 6.66
CA ASN A 103 9.34 -24.01 6.80
C ASN A 103 8.36 -24.10 7.97
N GLU A 104 8.69 -23.41 9.07
CA GLU A 104 7.83 -23.46 10.29
C GLU A 104 6.50 -22.78 9.92
N ALA A 105 6.54 -21.65 9.21
CA ALA A 105 5.32 -20.91 8.85
C ALA A 105 4.44 -21.75 7.92
N VAL A 106 5.02 -22.37 6.91
CA VAL A 106 4.26 -23.23 5.96
C VAL A 106 3.72 -24.44 6.72
N LEU A 107 4.51 -25.09 7.56
CA LEU A 107 4.05 -26.28 8.31
C LEU A 107 2.80 -25.92 9.15
N ASP A 108 2.80 -24.78 9.82
CA ASP A 108 1.65 -24.36 10.66
C ASP A 108 0.40 -24.26 9.79
N ILE A 109 0.51 -23.72 8.58
CA ILE A 109 -0.64 -23.65 7.64
C ILE A 109 -1.06 -25.07 7.28
N ASN A 110 -0.11 -25.93 6.95
CA ASN A 110 -0.44 -27.36 6.66
C ASN A 110 -1.28 -27.88 7.82
N LYS A 111 -0.86 -27.62 9.05
CA LYS A 111 -1.53 -28.18 10.25
C LYS A 111 -2.88 -27.49 10.43
N SER A 112 -2.95 -26.19 10.13
CA SER A 112 -4.20 -25.41 10.15
C SER A 112 -5.24 -26.09 9.23
N TYR A 113 -4.85 -26.58 8.04
CA TYR A 113 -5.80 -27.24 7.10
C TYR A 113 -6.20 -28.61 7.65
N GLU A 114 -5.26 -29.32 8.25
CA GLU A 114 -5.57 -30.62 8.90
C GLU A 114 -6.72 -30.40 9.88
N GLY A 115 -6.61 -29.39 10.73
CA GLY A 115 -7.62 -29.11 11.77
C GLY A 115 -8.97 -28.81 11.12
N MET A 116 -8.95 -28.04 10.03
CA MET A 116 -10.15 -27.68 9.23
C MET A 116 -10.93 -28.93 8.82
N PHE A 117 -10.24 -29.95 8.27
CA PHE A 117 -10.86 -31.20 7.77
C PHE A 117 -11.52 -31.98 8.92
N ASN A 118 -10.78 -32.18 10.01
CA ASN A 118 -11.24 -32.99 11.18
C ASN A 118 -12.44 -32.30 11.83
N ASP A 119 -12.38 -30.98 12.03
CA ASP A 119 -13.46 -30.22 12.69
C ASP A 119 -14.76 -30.20 11.87
N THR A 120 -14.64 -30.10 10.55
CA THR A 120 -15.77 -29.86 9.61
C THR A 120 -16.44 -31.19 9.25
N GLU A 121 -17.72 -31.34 9.64
CA GLU A 121 -18.55 -32.52 9.30
C GLU A 121 -18.76 -32.57 7.78
N GLY A 122 -18.62 -33.76 7.19
CA GLY A 122 -18.88 -33.99 5.76
C GLY A 122 -17.77 -33.49 4.83
N LEU A 123 -16.63 -33.11 5.42
CA LEU A 123 -15.41 -32.68 4.69
C LEU A 123 -14.28 -33.65 5.05
N ASP A 124 -13.94 -34.58 4.15
CA ASP A 124 -12.96 -35.65 4.44
C ASP A 124 -11.77 -35.51 3.49
N PHE A 125 -10.56 -35.67 4.03
CA PHE A 125 -9.30 -35.67 3.27
C PHE A 125 -8.92 -37.12 2.97
N PHE A 126 -8.44 -37.38 1.76
CA PHE A 126 -7.85 -38.67 1.36
C PHE A 126 -6.44 -38.37 0.83
N LEU A 127 -5.46 -39.13 1.32
CA LEU A 127 -4.04 -39.07 0.92
C LEU A 127 -3.85 -40.04 -0.23
N GLY A 128 -3.12 -39.61 -1.24
CA GLY A 128 -2.86 -40.43 -2.42
C GLY A 128 -3.17 -39.67 -3.68
N TRP A 129 -3.02 -40.37 -4.80
CA TRP A 129 -3.14 -39.83 -6.18
C TRP A 129 -4.55 -40.08 -6.71
N GLY A 130 -5.26 -38.99 -7.02
CA GLY A 130 -6.58 -39.03 -7.65
C GLY A 130 -6.43 -39.24 -9.14
N SER A 131 -7.26 -40.11 -9.72
CA SER A 131 -7.47 -40.24 -11.18
C SER A 131 -8.94 -40.57 -11.46
N LEU A 132 -9.37 -40.42 -12.70
CA LEU A 132 -10.75 -40.74 -13.13
C LEU A 132 -10.79 -42.20 -13.58
N GLU A 133 -11.54 -43.03 -12.84
CA GLU A 133 -11.87 -44.40 -13.30
C GLU A 133 -13.01 -44.28 -14.31
N SER A 134 -14.10 -43.61 -13.89
CA SER A 134 -15.35 -43.38 -14.67
C SER A 134 -16.04 -42.06 -14.26
N LYS A 135 -16.91 -41.57 -15.15
CA LYS A 135 -17.79 -40.38 -14.97
C LYS A 135 -18.05 -40.05 -13.50
N ASN A 136 -18.26 -41.06 -12.65
CA ASN A 136 -18.77 -40.84 -11.28
C ASN A 136 -17.89 -41.54 -10.23
N VAL A 137 -16.70 -42.00 -10.59
CA VAL A 137 -15.80 -42.71 -9.64
C VAL A 137 -14.38 -42.13 -9.74
N VAL A 138 -13.90 -41.64 -8.59
CA VAL A 138 -12.48 -41.25 -8.46
C VAL A 138 -11.78 -42.36 -7.68
N VAL A 139 -10.64 -42.79 -8.19
CA VAL A 139 -9.82 -43.82 -7.51
C VAL A 139 -8.58 -43.12 -6.95
N VAL A 140 -8.31 -43.35 -5.66
CA VAL A 140 -7.08 -42.86 -4.98
C VAL A 140 -6.07 -44.00 -4.96
N ARG A 141 -4.95 -43.82 -5.64
CA ARG A 141 -3.85 -44.81 -5.72
C ARG A 141 -2.67 -44.36 -4.84
N GLU A 142 -1.72 -45.28 -4.62
CA GLU A 142 -0.57 -45.07 -3.71
C GLU A 142 0.47 -44.18 -4.40
N THR A 143 0.67 -44.37 -5.71
CA THR A 143 1.61 -43.54 -6.51
C THR A 143 0.88 -42.95 -7.72
N ALA A 144 1.63 -42.19 -8.51
CA ALA A 144 1.18 -41.53 -9.76
C ALA A 144 0.97 -42.61 -10.83
N ASP A 145 1.58 -43.78 -10.63
CA ASP A 145 1.42 -44.92 -11.58
C ASP A 145 -0.03 -45.38 -11.51
N PRO A 146 -0.75 -45.46 -12.66
CA PRO A 146 -2.11 -45.97 -12.65
C PRO A 146 -2.19 -47.42 -12.13
N LYS A 147 -1.05 -48.11 -12.11
CA LYS A 147 -0.92 -49.56 -11.75
C LYS A 147 -0.74 -49.75 -10.24
N SER A 148 -0.45 -48.70 -9.47
CA SER A 148 -0.22 -48.81 -8.01
C SER A 148 -1.55 -49.15 -7.32
N ALA A 149 -1.49 -49.58 -6.06
CA ALA A 149 -2.63 -50.08 -5.26
C ALA A 149 -3.71 -49.01 -5.07
N VAL A 150 -4.96 -49.44 -5.05
CA VAL A 150 -6.15 -48.58 -4.79
C VAL A 150 -6.34 -48.42 -3.28
N LYS A 151 -6.08 -47.23 -2.74
CA LYS A 151 -6.35 -46.94 -1.31
C LYS A 151 -7.86 -46.74 -1.16
N GLU A 152 -8.52 -46.18 -2.18
CA GLU A 152 -9.96 -45.82 -2.10
C GLU A 152 -10.61 -45.74 -3.49
N ARG A 153 -11.93 -45.95 -3.48
CA ARG A 153 -12.87 -45.78 -4.62
C ARG A 153 -13.96 -44.84 -4.11
N LEU A 154 -14.05 -43.65 -4.71
CA LEU A 154 -14.96 -42.58 -4.25
C LEU A 154 -16.04 -42.40 -5.33
N GLN A 155 -17.29 -42.66 -4.95
CA GLN A 155 -18.51 -42.40 -5.74
C GLN A 155 -18.81 -40.89 -5.63
N ALA A 156 -19.02 -40.22 -6.75
CA ALA A 156 -19.12 -38.75 -6.85
C ALA A 156 -20.30 -38.34 -7.73
N ASP A 157 -21.28 -37.64 -7.17
CA ASP A 157 -22.34 -36.93 -7.95
C ASP A 157 -21.64 -35.89 -8.84
N HIS A 158 -20.51 -35.33 -8.37
CA HIS A 158 -19.73 -34.26 -9.04
C HIS A 158 -18.23 -34.40 -8.76
N ILE A 159 -17.42 -34.31 -9.81
CA ILE A 159 -15.93 -34.38 -9.73
C ILE A 159 -15.32 -33.02 -10.10
N LEU A 160 -14.47 -32.48 -9.23
CA LEU A 160 -13.68 -31.24 -9.46
C LEU A 160 -12.20 -31.59 -9.58
N LEU A 161 -11.62 -31.26 -10.73
CA LEU A 161 -10.19 -31.33 -11.07
C LEU A 161 -9.51 -29.99 -10.73
N ALA A 162 -8.59 -30.01 -9.77
CA ALA A 162 -7.96 -28.79 -9.20
C ALA A 162 -6.52 -29.15 -8.82
N THR A 163 -5.80 -29.76 -9.75
CA THR A 163 -4.50 -30.42 -9.51
C THR A 163 -3.38 -29.44 -9.83
N GLY A 164 -3.75 -28.23 -10.25
CA GLY A 164 -2.84 -27.11 -10.49
C GLY A 164 -1.87 -27.38 -11.63
N SER A 165 -0.65 -26.87 -11.49
CA SER A 165 0.40 -26.81 -12.53
C SER A 165 1.72 -27.28 -11.91
N TRP A 166 2.77 -27.26 -12.71
CA TRP A 166 4.06 -27.91 -12.39
C TRP A 166 5.09 -27.25 -13.28
N PRO A 167 6.33 -27.06 -12.81
CA PRO A 167 7.32 -26.33 -13.58
C PRO A 167 7.59 -27.16 -14.84
N GLN A 168 7.72 -26.47 -15.97
CA GLN A 168 8.24 -27.07 -17.22
C GLN A 168 9.77 -26.99 -17.17
N MET A 169 10.42 -28.10 -17.48
CA MET A 169 11.91 -28.23 -17.51
C MET A 169 12.34 -28.47 -18.95
N PRO A 170 13.04 -27.52 -19.60
CA PRO A 170 13.40 -27.70 -20.99
C PRO A 170 14.30 -28.93 -21.17
N ALA A 171 14.04 -29.72 -22.23
CA ALA A 171 14.61 -31.07 -22.45
C ALA A 171 16.00 -30.88 -23.08
N ILE A 172 16.88 -30.24 -22.34
CA ILE A 172 18.25 -29.91 -22.82
C ILE A 172 19.19 -30.86 -22.14
N PRO A 173 20.36 -31.17 -22.73
CA PRO A 173 21.35 -32.01 -22.06
C PRO A 173 21.82 -31.34 -20.76
N GLY A 174 21.71 -32.07 -19.63
CA GLY A 174 22.09 -31.65 -18.26
C GLY A 174 20.97 -30.95 -17.50
N ILE A 175 19.73 -31.12 -17.92
CA ILE A 175 18.54 -30.56 -17.24
C ILE A 175 18.45 -31.17 -15.84
N GLU A 176 19.02 -32.36 -15.63
CA GLU A 176 19.03 -33.04 -14.31
C GLU A 176 19.95 -32.30 -13.31
N HIS A 177 20.82 -31.40 -13.77
CA HIS A 177 21.71 -30.55 -12.95
C HIS A 177 20.95 -29.28 -12.49
N CYS A 178 19.76 -29.07 -13.06
CA CYS A 178 18.96 -27.82 -12.89
C CYS A 178 17.87 -28.05 -11.86
N ILE A 179 17.35 -26.97 -11.29
CA ILE A 179 16.22 -27.06 -10.34
C ILE A 179 15.07 -26.23 -10.88
N SER A 180 13.93 -26.40 -10.24
CA SER A 180 12.76 -25.51 -10.40
C SER A 180 12.59 -24.68 -9.11
N SER A 181 11.60 -23.82 -9.12
CA SER A 181 11.21 -23.05 -7.95
C SER A 181 11.00 -24.06 -6.80
N ASN A 182 10.53 -25.28 -7.09
CA ASN A 182 10.23 -26.30 -6.05
C ASN A 182 11.44 -26.50 -5.15
N GLU A 183 12.61 -26.69 -5.75
CA GLU A 183 13.86 -27.06 -5.04
C GLU A 183 14.45 -25.79 -4.46
N ALA A 184 14.23 -24.64 -5.11
CA ALA A 184 14.77 -23.34 -4.66
C ALA A 184 14.37 -23.12 -3.20
N PHE A 185 13.14 -23.49 -2.84
CA PHE A 185 12.58 -23.32 -1.48
C PHE A 185 13.35 -24.13 -0.44
N TYR A 186 14.19 -25.07 -0.86
CA TYR A 186 14.80 -26.02 0.11
C TYR A 186 16.31 -26.06 -0.06
N LEU A 187 16.87 -25.17 -0.87
CA LEU A 187 18.33 -25.15 -1.00
C LEU A 187 18.90 -25.10 0.42
N PRO A 188 19.84 -26.02 0.79
CA PRO A 188 20.47 -25.97 2.11
C PRO A 188 21.38 -24.75 2.31
N GLU A 189 21.93 -24.20 1.22
CA GLU A 189 22.84 -23.02 1.25
C GLU A 189 22.43 -22.03 0.16
N PRO A 190 22.63 -20.71 0.37
CA PRO A 190 22.31 -19.73 -0.65
C PRO A 190 23.37 -19.83 -1.74
N PRO A 191 23.00 -19.84 -3.04
CA PRO A 191 23.99 -19.92 -4.10
C PRO A 191 24.83 -18.64 -4.17
N ARG A 192 26.13 -18.80 -4.39
CA ARG A 192 27.05 -17.66 -4.60
C ARG A 192 26.74 -17.09 -5.99
N ARG A 193 26.64 -18.00 -6.96
CA ARG A 193 26.33 -17.67 -8.36
C ARG A 193 25.09 -18.45 -8.78
N VAL A 194 24.14 -17.79 -9.41
CA VAL A 194 22.88 -18.47 -9.78
C VAL A 194 22.39 -17.88 -11.09
N LEU A 195 21.83 -18.76 -11.91
CA LEU A 195 21.19 -18.38 -13.18
C LEU A 195 19.72 -18.71 -13.01
N THR A 196 18.88 -17.68 -13.01
CA THR A 196 17.42 -17.90 -13.03
C THR A 196 17.07 -17.81 -14.51
N VAL A 197 16.41 -18.85 -15.02
CA VAL A 197 16.07 -18.92 -16.45
C VAL A 197 14.59 -18.60 -16.61
N GLY A 198 14.30 -17.53 -17.32
CA GLY A 198 12.92 -17.08 -17.58
C GLY A 198 12.78 -15.61 -17.32
N GLY A 199 11.78 -15.00 -17.95
CA GLY A 199 11.50 -13.56 -17.90
C GLY A 199 10.20 -13.27 -17.16
N GLY A 200 9.59 -14.29 -16.57
CA GLY A 200 8.30 -14.14 -15.87
C GLY A 200 8.51 -13.86 -14.40
N PHE A 201 7.41 -13.80 -13.65
CA PHE A 201 7.40 -13.29 -12.27
C PHE A 201 8.27 -14.20 -11.39
N ILE A 202 8.25 -15.51 -11.60
CA ILE A 202 8.97 -16.47 -10.69
C ILE A 202 10.49 -16.29 -10.79
N SER A 203 11.00 -16.15 -12.02
CA SER A 203 12.44 -15.91 -12.28
C SER A 203 12.85 -14.56 -11.69
N VAL A 204 12.04 -13.51 -11.94
CA VAL A 204 12.29 -12.14 -11.43
C VAL A 204 12.29 -12.13 -9.90
N GLU A 205 11.30 -12.76 -9.27
CA GLU A 205 11.16 -12.74 -7.79
C GLU A 205 12.34 -13.48 -7.19
N PHE A 206 12.71 -14.62 -7.77
CA PHE A 206 13.80 -15.48 -7.22
C PHE A 206 15.14 -14.78 -7.42
N ALA A 207 15.32 -14.08 -8.53
CA ALA A 207 16.57 -13.31 -8.74
C ALA A 207 16.73 -12.31 -7.61
N GLY A 208 15.62 -11.67 -7.21
CA GLY A 208 15.61 -10.71 -6.10
C GLY A 208 16.04 -11.37 -4.80
N ILE A 209 15.46 -12.52 -4.50
CA ILE A 209 15.70 -13.30 -3.26
C ILE A 209 17.19 -13.69 -3.23
N PHE A 210 17.67 -14.34 -4.30
CA PHE A 210 19.05 -14.86 -4.33
C PHE A 210 20.03 -13.70 -4.19
N ASN A 211 19.67 -12.58 -4.80
CA ASN A 211 20.52 -11.37 -4.84
C ASN A 211 20.77 -10.88 -3.42
N ALA A 212 19.79 -11.00 -2.53
CA ALA A 212 19.90 -10.45 -1.17
C ALA A 212 20.68 -11.44 -0.29
N TYR A 213 20.53 -12.74 -0.55
CA TYR A 213 21.05 -13.81 0.36
C TYR A 213 22.38 -14.37 -0.13
N LYS A 214 22.89 -13.93 -1.28
CA LYS A 214 24.13 -14.52 -1.86
C LYS A 214 25.30 -14.28 -0.90
N PRO A 215 26.20 -15.26 -0.73
CA PRO A 215 27.43 -15.03 0.02
C PRO A 215 28.31 -14.03 -0.71
N PRO A 216 29.41 -13.54 -0.08
CA PRO A 216 30.27 -12.51 -0.69
C PRO A 216 30.87 -12.97 -2.01
N GLY A 217 31.10 -12.03 -2.93
CA GLY A 217 31.54 -12.31 -4.31
C GLY A 217 30.48 -13.08 -5.08
N GLY A 218 29.22 -12.94 -4.69
CA GLY A 218 28.10 -13.65 -5.33
C GLY A 218 27.61 -12.87 -6.53
N LYS A 219 26.89 -13.53 -7.42
CA LYS A 219 26.35 -12.88 -8.65
C LYS A 219 25.08 -13.61 -9.07
N VAL A 220 24.02 -12.84 -9.22
CA VAL A 220 22.74 -13.36 -9.75
C VAL A 220 22.64 -12.95 -11.21
N THR A 221 22.43 -13.93 -12.07
CA THR A 221 22.21 -13.71 -13.52
C THR A 221 20.80 -14.21 -13.84
N LEU A 222 20.01 -13.36 -14.48
CA LEU A 222 18.69 -13.78 -15.01
C LEU A 222 18.83 -13.82 -16.53
N CYS A 223 18.53 -14.93 -17.16
CA CYS A 223 18.48 -14.96 -18.63
C CYS A 223 17.02 -15.02 -19.10
N TYR A 224 16.74 -14.38 -20.23
CA TYR A 224 15.43 -14.50 -20.90
C TYR A 224 15.63 -14.64 -22.41
N ARG A 225 14.90 -15.59 -23.00
CA ARG A 225 15.12 -16.02 -24.41
C ARG A 225 14.78 -14.84 -25.34
N ASN A 226 13.94 -13.88 -24.95
CA ASN A 226 13.60 -12.74 -25.83
C ASN A 226 14.20 -11.45 -25.29
N ASN A 227 13.72 -10.30 -25.79
CA ASN A 227 14.43 -9.00 -25.69
C ASN A 227 14.17 -8.27 -24.36
N LEU A 228 13.03 -8.51 -23.73
CA LEU A 228 12.52 -7.70 -22.57
C LEU A 228 11.69 -8.61 -21.66
N ILE A 229 12.06 -8.67 -20.38
CA ILE A 229 11.40 -9.56 -19.37
C ILE A 229 9.95 -9.09 -19.15
N LEU A 230 9.19 -9.94 -18.49
CA LEU A 230 7.83 -9.65 -17.98
C LEU A 230 6.89 -9.26 -19.12
N ARG A 231 6.90 -10.09 -20.17
CA ARG A 231 5.87 -10.06 -21.23
C ARG A 231 4.51 -10.03 -20.55
N GLY A 232 3.60 -9.19 -21.05
CA GLY A 232 2.21 -9.10 -20.60
C GLY A 232 2.01 -8.00 -19.56
N PHE A 233 3.09 -7.54 -18.92
CA PHE A 233 3.10 -6.34 -18.07
C PHE A 233 3.26 -5.07 -18.93
N ASP A 234 2.99 -3.93 -18.32
CA ASP A 234 3.15 -2.59 -18.95
C ASP A 234 4.58 -2.43 -19.44
N GLU A 235 4.75 -1.91 -20.67
CA GLU A 235 6.12 -1.83 -21.25
C GLU A 235 7.02 -0.90 -20.43
N THR A 236 6.52 0.24 -19.96
CA THR A 236 7.34 1.18 -19.15
C THR A 236 7.86 0.42 -17.92
N ILE A 237 6.95 -0.28 -17.23
CA ILE A 237 7.29 -1.06 -16.02
C ILE A 237 8.31 -2.16 -16.35
N ARG A 238 8.14 -2.87 -17.46
CA ARG A 238 9.10 -3.93 -17.87
C ARG A 238 10.52 -3.35 -17.97
N GLU A 239 10.65 -2.21 -18.64
CA GLU A 239 11.94 -1.51 -18.85
C GLU A 239 12.48 -1.04 -17.49
N GLU A 240 11.62 -0.49 -16.65
CA GLU A 240 12.05 0.02 -15.33
C GLU A 240 12.53 -1.10 -14.40
N VAL A 241 11.77 -2.20 -14.32
N VAL A 241 11.79 -2.22 -14.31
CA VAL A 241 12.14 -3.35 -13.43
CA VAL A 241 12.18 -3.33 -13.39
C VAL A 241 13.52 -3.82 -13.87
C VAL A 241 13.52 -3.89 -13.86
N THR A 242 13.73 -3.93 -15.19
CA THR A 242 15.01 -4.36 -15.81
C THR A 242 16.14 -3.46 -15.29
N LYS A 243 15.95 -2.13 -15.35
CA LYS A 243 16.95 -1.15 -14.85
C LYS A 243 17.14 -1.32 -13.35
N GLN A 244 16.03 -1.49 -12.61
CA GLN A 244 16.07 -1.38 -11.13
C GLN A 244 16.72 -2.66 -10.60
N LEU A 245 16.47 -3.80 -11.26
CA LEU A 245 17.17 -5.06 -10.91
C LEU A 245 18.66 -4.91 -11.25
N THR A 246 18.98 -4.35 -12.42
CA THR A 246 20.41 -4.11 -12.81
C THR A 246 21.08 -3.20 -11.79
N ALA A 247 20.40 -2.16 -11.35
CA ALA A 247 20.94 -1.17 -10.39
C ALA A 247 21.27 -1.86 -9.05
N ASN A 248 20.64 -2.98 -8.75
CA ASN A 248 20.82 -3.69 -7.44
C ASN A 248 21.75 -4.90 -7.62
N GLY A 249 22.47 -4.96 -8.75
CA GLY A 249 23.56 -5.94 -8.98
C GLY A 249 23.13 -7.18 -9.74
N ILE A 250 21.88 -7.25 -10.20
CA ILE A 250 21.44 -8.46 -10.95
C ILE A 250 21.83 -8.23 -12.41
N GLU A 251 22.44 -9.24 -13.04
CA GLU A 251 22.81 -9.20 -14.48
C GLU A 251 21.64 -9.81 -15.26
N ILE A 252 21.04 -9.04 -16.17
CA ILE A 252 19.94 -9.48 -17.06
C ILE A 252 20.52 -9.82 -18.45
N MET A 253 20.59 -11.11 -18.78
CA MET A 253 20.98 -11.61 -20.14
C MET A 253 19.69 -11.82 -20.94
N THR A 254 19.33 -10.88 -21.80
CA THR A 254 18.20 -10.99 -22.75
C THR A 254 18.69 -11.55 -24.07
N ASN A 255 17.76 -12.11 -24.87
CA ASN A 255 18.06 -12.84 -26.12
C ASN A 255 19.07 -13.96 -25.84
N GLU A 256 18.96 -14.63 -24.70
CA GLU A 256 19.89 -15.72 -24.30
C GLU A 256 19.11 -16.87 -23.68
N ASN A 257 19.52 -18.07 -23.96
CA ASN A 257 18.78 -19.27 -23.54
C ASN A 257 19.76 -20.43 -23.43
N PRO A 258 19.83 -21.12 -22.26
CA PRO A 258 20.65 -22.31 -22.12
C PRO A 258 20.39 -23.36 -23.22
N ALA A 259 21.48 -23.90 -23.78
CA ALA A 259 21.47 -25.02 -24.74
C ALA A 259 21.86 -26.29 -24.00
N LYS A 260 22.75 -26.19 -23.01
CA LYS A 260 23.06 -27.37 -22.17
C LYS A 260 23.80 -26.96 -20.91
N VAL A 261 23.82 -27.88 -19.96
CA VAL A 261 24.50 -27.76 -18.66
C VAL A 261 25.32 -29.02 -18.45
N SER A 262 26.55 -28.86 -17.94
CA SER A 262 27.43 -29.95 -17.44
C SER A 262 27.90 -29.63 -16.01
N LEU A 263 28.03 -30.65 -15.16
CA LEU A 263 28.69 -30.52 -13.85
C LEU A 263 30.18 -30.33 -14.11
N ASN A 264 30.74 -29.22 -13.62
CA ASN A 264 32.19 -29.08 -13.35
C ASN A 264 32.58 -30.09 -12.25
N THR A 265 33.87 -30.40 -12.14
CA THR A 265 34.41 -31.40 -11.18
C THR A 265 34.19 -30.91 -9.73
N ASP A 266 34.05 -29.59 -9.49
CA ASP A 266 33.80 -29.01 -8.13
C ASP A 266 32.30 -28.99 -7.77
N GLY A 267 31.42 -29.54 -8.61
CA GLY A 267 29.96 -29.65 -8.34
C GLY A 267 29.18 -28.51 -8.96
N SER A 268 29.87 -27.47 -9.46
CA SER A 268 29.26 -26.26 -10.06
C SER A 268 28.77 -26.61 -11.47
N LYS A 269 27.98 -25.71 -12.07
CA LYS A 269 27.26 -25.94 -13.35
C LYS A 269 27.90 -25.08 -14.43
N HIS A 270 28.32 -25.75 -15.50
CA HIS A 270 28.81 -25.08 -16.73
C HIS A 270 27.60 -25.01 -17.66
N VAL A 271 27.10 -23.78 -17.86
CA VAL A 271 25.93 -23.47 -18.71
C VAL A 271 26.48 -23.03 -20.07
N THR A 272 26.01 -23.67 -21.14
CA THR A 272 26.24 -23.23 -22.53
C THR A 272 24.94 -22.69 -23.14
N PHE A 273 24.99 -21.43 -23.53
CA PHE A 273 23.86 -20.73 -24.18
C PHE A 273 23.84 -21.12 -25.67
N GLU A 274 22.65 -21.10 -26.27
CA GLU A 274 22.45 -21.22 -27.74
C GLU A 274 23.41 -20.27 -28.47
N SER A 275 23.63 -19.08 -27.92
CA SER A 275 24.55 -18.06 -28.50
C SER A 275 26.01 -18.55 -28.47
N GLY A 276 26.30 -19.61 -27.72
CA GLY A 276 27.67 -20.14 -27.55
C GLY A 276 28.36 -19.60 -26.32
N LYS A 277 27.82 -18.54 -25.71
CA LYS A 277 28.31 -18.01 -24.41
C LYS A 277 28.26 -19.12 -23.37
N THR A 278 29.15 -19.04 -22.37
CA THR A 278 29.16 -19.95 -21.21
C THR A 278 29.06 -19.12 -19.92
N LEU A 279 28.65 -19.77 -18.85
CA LEU A 279 28.61 -19.18 -17.50
C LEU A 279 28.70 -20.33 -16.50
N ASP A 280 29.53 -20.14 -15.47
CA ASP A 280 29.63 -21.08 -14.32
C ASP A 280 28.79 -20.48 -13.19
N VAL A 281 27.88 -21.28 -12.63
CA VAL A 281 27.01 -20.89 -11.50
C VAL A 281 26.88 -22.08 -10.58
N ASP A 282 26.45 -21.85 -9.36
CA ASP A 282 26.28 -22.95 -8.39
C ASP A 282 24.89 -23.53 -8.54
N VAL A 283 23.96 -22.72 -9.07
CA VAL A 283 22.52 -23.10 -9.23
C VAL A 283 21.99 -22.56 -10.56
N VAL A 284 21.27 -23.45 -11.26
CA VAL A 284 20.46 -23.14 -12.48
C VAL A 284 19.02 -23.40 -12.10
N MET A 285 18.25 -22.31 -11.93
CA MET A 285 16.81 -22.45 -11.63
C MET A 285 16.04 -22.14 -12.90
N MET A 286 15.33 -23.14 -13.38
CA MET A 286 14.43 -22.99 -14.56
C MET A 286 13.09 -22.45 -14.06
N ALA A 287 12.66 -21.31 -14.60
CA ALA A 287 11.31 -20.73 -14.36
C ALA A 287 10.77 -20.21 -15.69
N ILE A 288 10.67 -21.12 -16.66
CA ILE A 288 10.33 -20.79 -18.08
C ILE A 288 8.84 -21.06 -18.28
N GLY A 289 8.16 -21.65 -17.31
CA GLY A 289 6.72 -21.87 -17.44
C GLY A 289 6.26 -22.96 -16.54
N ARG A 290 4.98 -22.94 -16.27
CA ARG A 290 4.28 -24.00 -15.52
C ARG A 290 3.21 -24.56 -16.45
N ILE A 291 2.96 -25.85 -16.33
CA ILE A 291 2.01 -26.54 -17.24
C ILE A 291 1.03 -27.31 -16.38
N PRO A 292 -0.23 -27.43 -16.87
CA PRO A 292 -1.29 -28.03 -16.09
C PRO A 292 -0.99 -29.51 -15.82
N ARG A 293 -1.40 -29.98 -14.64
CA ARG A 293 -1.14 -31.34 -14.13
C ARG A 293 -2.31 -32.23 -14.51
N THR A 294 -2.31 -32.74 -15.74
CA THR A 294 -3.45 -33.48 -16.35
C THR A 294 -3.11 -34.97 -16.51
N ASN A 295 -1.88 -35.27 -16.90
CA ASN A 295 -1.31 -36.64 -17.00
C ASN A 295 -1.93 -37.59 -15.98
N ASP A 296 -1.62 -37.37 -14.70
CA ASP A 296 -1.81 -38.36 -13.62
C ASP A 296 -3.29 -38.57 -13.37
N LEU A 297 -4.18 -37.79 -13.99
CA LEU A 297 -5.64 -37.90 -13.75
C LEU A 297 -6.28 -38.97 -14.66
N GLN A 298 -5.58 -39.42 -15.70
CA GLN A 298 -6.08 -40.46 -16.64
C GLN A 298 -7.37 -39.91 -17.26
N LEU A 299 -7.27 -38.73 -17.86
CA LEU A 299 -8.45 -38.04 -18.46
C LEU A 299 -8.94 -38.86 -19.67
N GLY A 300 -8.01 -39.52 -20.36
CA GLY A 300 -8.26 -40.43 -21.50
C GLY A 300 -9.25 -41.54 -21.18
N ASN A 301 -9.47 -41.85 -19.90
CA ASN A 301 -10.39 -42.90 -19.41
C ASN A 301 -11.86 -42.45 -19.45
N VAL A 302 -12.15 -41.15 -19.37
CA VAL A 302 -13.56 -40.65 -19.46
C VAL A 302 -13.69 -39.58 -20.56
N GLY A 303 -12.62 -39.32 -21.34
CA GLY A 303 -12.61 -38.32 -22.43
C GLY A 303 -12.96 -36.94 -21.90
N VAL A 304 -12.13 -36.38 -21.03
CA VAL A 304 -12.15 -34.92 -20.71
C VAL A 304 -11.28 -34.28 -21.76
N LYS A 305 -11.81 -33.25 -22.45
CA LYS A 305 -11.09 -32.54 -23.54
C LYS A 305 -10.08 -31.54 -22.93
N LEU A 306 -8.85 -31.60 -23.44
CA LEU A 306 -7.75 -30.65 -23.23
C LEU A 306 -7.68 -29.73 -24.43
N THR A 307 -7.05 -28.58 -24.25
CA THR A 307 -6.87 -27.53 -25.28
C THR A 307 -5.59 -27.82 -26.06
N PRO A 308 -5.41 -27.18 -27.24
CA PRO A 308 -4.15 -27.28 -27.97
C PRO A 308 -2.95 -26.89 -27.10
N LYS A 309 -3.17 -26.20 -25.98
CA LYS A 309 -2.07 -25.77 -25.06
C LYS A 309 -1.84 -26.79 -23.94
N GLY A 310 -2.75 -27.76 -23.74
CA GLY A 310 -2.58 -28.86 -22.76
C GLY A 310 -3.48 -28.75 -21.53
N GLY A 311 -4.08 -27.58 -21.27
CA GLY A 311 -4.98 -27.34 -20.12
C GLY A 311 -6.37 -27.88 -20.38
N VAL A 312 -7.11 -28.19 -19.31
CA VAL A 312 -8.49 -28.76 -19.35
C VAL A 312 -9.43 -27.68 -19.91
N GLN A 313 -10.15 -28.02 -20.97
CA GLN A 313 -11.16 -27.12 -21.61
C GLN A 313 -12.33 -26.99 -20.67
N VAL A 314 -12.76 -25.76 -20.43
CA VAL A 314 -13.92 -25.44 -19.54
C VAL A 314 -14.74 -24.35 -20.23
N ASP A 315 -16.01 -24.25 -19.89
CA ASP A 315 -16.89 -23.12 -20.26
C ASP A 315 -16.76 -22.12 -19.12
N GLU A 316 -17.59 -21.07 -19.12
CA GLU A 316 -17.52 -19.94 -18.16
C GLU A 316 -17.88 -20.42 -16.75
N PHE A 317 -18.53 -21.58 -16.65
CA PHE A 317 -19.03 -22.20 -15.40
C PHE A 317 -18.09 -23.32 -14.91
N SER A 318 -16.90 -23.43 -15.50
CA SER A 318 -15.83 -24.38 -15.09
C SER A 318 -16.22 -25.81 -15.53
N ARG A 319 -17.20 -25.95 -16.43
CA ARG A 319 -17.70 -27.28 -16.86
C ARG A 319 -16.84 -27.80 -18.01
N THR A 320 -16.40 -29.05 -17.90
CA THR A 320 -15.72 -29.82 -18.97
C THR A 320 -16.79 -30.28 -19.99
N ASN A 321 -16.38 -30.98 -21.04
CA ASN A 321 -17.32 -31.66 -21.98
C ASN A 321 -18.12 -32.75 -21.24
N VAL A 322 -17.62 -33.27 -20.12
CA VAL A 322 -18.25 -34.40 -19.37
C VAL A 322 -19.12 -33.83 -18.28
N PRO A 323 -20.46 -34.05 -18.32
CA PRO A 323 -21.34 -33.52 -17.27
C PRO A 323 -20.86 -33.99 -15.89
N ASN A 324 -21.03 -33.15 -14.85
CA ASN A 324 -20.71 -33.50 -13.44
C ASN A 324 -19.19 -33.46 -13.19
N ILE A 325 -18.38 -33.19 -14.22
CA ILE A 325 -16.90 -33.02 -14.10
C ILE A 325 -16.50 -31.58 -14.47
N TYR A 326 -15.93 -30.89 -13.49
CA TYR A 326 -15.49 -29.47 -13.55
C TYR A 326 -13.99 -29.37 -13.34
N ALA A 327 -13.43 -28.22 -13.69
CA ALA A 327 -12.00 -27.91 -13.57
C ALA A 327 -11.82 -26.41 -13.27
N ILE A 328 -11.09 -26.10 -12.20
CA ILE A 328 -10.75 -24.70 -11.80
C ILE A 328 -9.25 -24.58 -11.64
N GLY A 329 -8.76 -23.33 -11.64
CA GLY A 329 -7.37 -22.99 -11.32
C GLY A 329 -6.41 -23.36 -12.42
N ASP A 330 -5.15 -23.60 -12.07
CA ASP A 330 -4.01 -23.64 -13.01
C ASP A 330 -4.22 -24.78 -14.03
N ILE A 331 -4.97 -25.83 -13.70
CA ILE A 331 -5.19 -26.95 -14.67
C ILE A 331 -5.89 -26.41 -15.92
N THR A 332 -6.67 -25.32 -15.80
CA THR A 332 -7.36 -24.70 -16.97
C THR A 332 -6.38 -23.86 -17.80
N ASP A 333 -5.17 -23.61 -17.31
CA ASP A 333 -4.08 -22.93 -18.07
C ASP A 333 -4.52 -21.56 -18.61
N ARG A 334 -5.10 -20.74 -17.75
CA ARG A 334 -5.51 -19.37 -18.13
C ARG A 334 -4.66 -18.46 -17.24
N LEU A 335 -5.30 -17.72 -16.32
N LEU A 335 -5.30 -17.74 -16.30
CA LEU A 335 -4.60 -16.89 -15.29
CA LEU A 335 -4.58 -16.88 -15.32
C LEU A 335 -4.20 -17.82 -14.15
C LEU A 335 -4.20 -17.75 -14.12
N MET A 336 -2.90 -18.06 -13.98
CA MET A 336 -2.38 -18.94 -12.92
C MET A 336 -2.21 -18.10 -11.65
N LEU A 337 -3.31 -17.81 -10.99
CA LEU A 337 -3.29 -17.01 -9.73
C LEU A 337 -4.19 -17.66 -8.68
N THR A 338 -3.76 -17.62 -7.43
CA THR A 338 -4.47 -18.27 -6.31
C THR A 338 -5.87 -17.64 -6.20
N PRO A 339 -6.06 -16.31 -6.15
CA PRO A 339 -7.39 -15.73 -5.96
C PRO A 339 -8.40 -16.01 -7.08
N VAL A 340 -7.91 -16.24 -8.29
CA VAL A 340 -8.75 -16.65 -9.44
C VAL A 340 -9.20 -18.08 -9.17
N ALA A 341 -8.27 -18.99 -8.84
CA ALA A 341 -8.59 -20.39 -8.48
C ALA A 341 -9.68 -20.36 -7.41
N ILE A 342 -9.47 -19.53 -6.38
CA ILE A 342 -10.39 -19.46 -5.22
C ILE A 342 -11.74 -18.98 -5.74
N ASN A 343 -11.75 -17.93 -6.55
CA ASN A 343 -13.00 -17.33 -7.05
C ASN A 343 -13.78 -18.36 -7.87
N GLU A 344 -13.09 -19.07 -8.75
CA GLU A 344 -13.69 -20.12 -9.62
C GLU A 344 -14.34 -21.23 -8.76
N GLY A 345 -13.61 -21.72 -7.74
CA GLY A 345 -14.13 -22.72 -6.80
C GLY A 345 -15.38 -22.24 -6.09
N ALA A 346 -15.37 -21.02 -5.55
CA ALA A 346 -16.54 -20.45 -4.83
C ALA A 346 -17.73 -20.33 -5.79
N ALA A 347 -17.48 -19.90 -7.02
CA ALA A 347 -18.52 -19.69 -8.07
C ALA A 347 -19.14 -21.04 -8.47
N LEU A 348 -18.30 -22.03 -8.68
CA LEU A 348 -18.71 -23.39 -9.11
C LEU A 348 -19.65 -23.94 -8.06
N VAL A 349 -19.28 -23.79 -6.80
CA VAL A 349 -20.04 -24.41 -5.69
C VAL A 349 -21.36 -23.64 -5.50
N ASP A 350 -21.36 -22.32 -5.72
CA ASP A 350 -22.60 -21.50 -5.63
C ASP A 350 -23.51 -21.82 -6.81
N THR A 351 -22.94 -22.10 -7.98
CA THR A 351 -23.71 -22.53 -9.17
C THR A 351 -24.33 -23.89 -8.84
N VAL A 352 -23.50 -24.91 -8.69
CA VAL A 352 -23.89 -26.34 -8.68
C VAL A 352 -24.66 -26.68 -7.40
N PHE A 353 -24.19 -26.27 -6.22
CA PHE A 353 -24.80 -26.70 -4.93
C PHE A 353 -25.72 -25.61 -4.37
N GLY A 354 -25.46 -24.34 -4.67
CA GLY A 354 -26.25 -23.21 -4.10
C GLY A 354 -27.38 -22.77 -5.00
N ASN A 355 -27.51 -23.35 -6.20
CA ASN A 355 -28.56 -22.94 -7.17
C ASN A 355 -28.48 -21.43 -7.40
N LYS A 356 -27.27 -20.89 -7.45
CA LYS A 356 -27.00 -19.44 -7.61
C LYS A 356 -25.92 -19.35 -8.67
N PRO A 357 -26.25 -19.53 -9.96
CA PRO A 357 -25.21 -19.56 -10.99
C PRO A 357 -24.41 -18.26 -10.93
N ARG A 358 -23.09 -18.41 -10.91
CA ARG A 358 -22.14 -17.29 -10.92
C ARG A 358 -20.91 -17.74 -11.71
N LYS A 359 -20.40 -16.84 -12.56
CA LYS A 359 -19.21 -17.07 -13.42
C LYS A 359 -18.10 -16.12 -12.94
N THR A 360 -16.88 -16.64 -12.85
CA THR A 360 -15.69 -15.85 -12.51
C THR A 360 -15.47 -14.84 -13.64
N ASP A 361 -15.20 -13.60 -13.26
CA ASP A 361 -14.75 -12.53 -14.20
C ASP A 361 -13.24 -12.62 -14.29
N HIS A 362 -12.70 -13.02 -15.44
CA HIS A 362 -11.24 -13.08 -15.68
C HIS A 362 -10.73 -11.73 -16.21
N THR A 363 -11.56 -10.69 -16.29
CA THR A 363 -11.13 -9.31 -16.65
C THR A 363 -10.85 -8.52 -15.36
N ARG A 364 -9.93 -7.57 -15.44
CA ARG A 364 -9.78 -6.52 -14.41
C ARG A 364 -9.35 -7.21 -13.12
N VAL A 365 -8.51 -8.21 -13.23
CA VAL A 365 -7.98 -8.95 -12.07
C VAL A 365 -6.71 -8.22 -11.62
N ALA A 366 -6.70 -7.72 -10.39
CA ALA A 366 -5.49 -7.15 -9.78
C ALA A 366 -4.48 -8.29 -9.55
N SER A 367 -3.20 -8.03 -9.79
CA SER A 367 -2.12 -9.00 -9.49
C SER A 367 -0.85 -8.22 -9.20
N ALA A 368 0.17 -8.93 -8.77
CA ALA A 368 1.42 -8.30 -8.37
C ALA A 368 2.59 -9.17 -8.81
N VAL A 369 3.74 -8.55 -8.86
CA VAL A 369 5.06 -9.21 -8.91
C VAL A 369 5.85 -8.64 -7.73
N PHE A 370 6.31 -9.50 -6.84
CA PHE A 370 7.15 -9.12 -5.68
C PHE A 370 8.61 -9.09 -6.12
N SER A 371 8.82 -8.38 -7.23
CA SER A 371 10.12 -7.83 -7.63
C SER A 371 10.48 -6.79 -6.59
N ILE A 372 11.75 -6.43 -6.55
CA ILE A 372 12.23 -5.33 -5.69
C ILE A 372 12.73 -4.25 -6.65
N PRO A 373 12.01 -3.10 -6.70
CA PRO A 373 10.71 -2.93 -6.03
C PRO A 373 9.58 -3.60 -6.82
N PRO A 374 8.37 -3.72 -6.22
CA PRO A 374 7.30 -4.54 -6.79
C PRO A 374 6.37 -3.87 -7.82
N ILE A 375 5.63 -4.70 -8.51
CA ILE A 375 4.62 -4.30 -9.52
C ILE A 375 3.24 -4.57 -8.91
N GLY A 376 2.31 -3.64 -9.12
CA GLY A 376 0.87 -3.90 -8.92
C GLY A 376 0.13 -3.48 -10.17
N THR A 377 -0.75 -4.31 -10.68
CA THR A 377 -1.42 -4.07 -11.98
C THR A 377 -2.84 -4.61 -11.95
N CYS A 378 -3.71 -3.96 -12.72
CA CYS A 378 -5.10 -4.37 -12.88
C CYS A 378 -5.57 -3.93 -14.27
N GLY A 379 -6.08 -4.86 -15.05
CA GLY A 379 -6.70 -4.59 -16.35
C GLY A 379 -5.68 -4.51 -17.45
N LEU A 380 -6.00 -3.76 -18.49
CA LEU A 380 -5.34 -3.88 -19.82
C LEU A 380 -4.07 -3.03 -19.86
N ILE A 381 -3.01 -3.57 -20.45
CA ILE A 381 -1.87 -2.74 -20.90
C ILE A 381 -2.31 -1.98 -22.16
N GLU A 382 -1.67 -0.83 -22.40
CA GLU A 382 -2.05 0.11 -23.47
C GLU A 382 -2.04 -0.56 -24.84
N GLU A 383 -1.08 -1.44 -25.13
CA GLU A 383 -0.97 -2.07 -26.48
C GLU A 383 -2.20 -2.93 -26.75
N VAL A 384 -2.68 -3.61 -25.71
CA VAL A 384 -3.91 -4.46 -25.78
C VAL A 384 -5.15 -3.56 -25.88
N ALA A 385 -5.29 -2.51 -25.05
CA ALA A 385 -6.38 -1.53 -25.12
C ALA A 385 -6.49 -0.90 -26.53
N ALA A 386 -5.34 -0.54 -27.12
CA ALA A 386 -5.20 0.21 -28.40
C ALA A 386 -5.77 -0.61 -29.58
N LYS A 387 -5.80 -1.94 -29.45
CA LYS A 387 -6.34 -2.87 -30.47
C LYS A 387 -7.86 -3.00 -30.32
N GLU A 388 -8.39 -2.86 -29.10
CA GLU A 388 -9.85 -3.00 -28.82
C GLU A 388 -10.58 -1.66 -28.93
N PHE A 389 -9.92 -0.53 -28.65
CA PHE A 389 -10.59 0.79 -28.50
C PHE A 389 -10.03 1.77 -29.53
N GLU A 390 -10.92 2.53 -30.18
N GLU A 390 -10.93 2.53 -30.17
CA GLU A 390 -10.55 3.52 -31.22
CA GLU A 390 -10.59 3.53 -31.23
C GLU A 390 -9.62 4.57 -30.61
C GLU A 390 -9.65 4.59 -30.63
N LYS A 391 -9.97 5.09 -29.44
CA LYS A 391 -9.17 6.14 -28.74
C LYS A 391 -8.83 5.70 -27.30
N VAL A 392 -7.54 5.58 -27.04
CA VAL A 392 -6.95 5.18 -25.72
C VAL A 392 -6.09 6.34 -25.26
N ALA A 393 -6.26 6.79 -24.02
CA ALA A 393 -5.40 7.79 -23.39
C ALA A 393 -4.52 7.07 -22.38
N VAL A 394 -3.27 7.51 -22.29
CA VAL A 394 -2.34 7.02 -21.25
C VAL A 394 -1.95 8.19 -20.38
N TYR A 395 -2.17 8.05 -19.08
CA TYR A 395 -1.76 9.00 -18.01
C TYR A 395 -0.58 8.36 -17.30
N MET A 396 0.56 9.05 -17.24
CA MET A 396 1.80 8.41 -16.71
C MET A 396 2.52 9.41 -15.81
N SER A 397 2.95 8.94 -14.64
CA SER A 397 3.83 9.64 -13.67
C SER A 397 4.96 8.69 -13.31
N SER A 398 6.20 9.07 -13.58
CA SER A 398 7.41 8.26 -13.27
C SER A 398 8.45 9.20 -12.69
N PHE A 399 8.88 8.90 -11.47
CA PHE A 399 9.80 9.76 -10.69
C PHE A 399 10.35 8.93 -9.54
N THR A 400 11.56 9.27 -9.10
CA THR A 400 12.15 8.80 -7.82
C THR A 400 11.43 9.54 -6.69
N PRO A 401 10.72 8.82 -5.78
CA PRO A 401 10.11 9.46 -4.62
C PRO A 401 11.23 10.06 -3.78
N LEU A 402 10.89 11.15 -3.11
CA LEU A 402 11.81 11.96 -2.28
C LEU A 402 12.54 11.00 -1.35
N MET A 403 11.83 10.07 -0.73
CA MET A 403 12.50 9.27 0.32
C MET A 403 13.65 8.44 -0.31
N HIS A 404 13.60 8.15 -1.62
CA HIS A 404 14.63 7.32 -2.30
C HIS A 404 15.75 8.19 -2.84
N ASN A 405 15.52 9.50 -3.00
CA ASN A 405 16.62 10.49 -3.09
C ASN A 405 17.42 10.44 -1.78
N ILE A 406 16.77 10.42 -0.61
CA ILE A 406 17.50 10.38 0.69
C ILE A 406 18.08 8.98 0.95
N SER A 407 17.38 7.90 0.63
CA SER A 407 17.84 6.51 0.89
C SER A 407 19.11 6.19 0.10
N GLY A 408 19.32 6.87 -1.03
CA GLY A 408 20.45 6.59 -1.93
C GLY A 408 20.03 5.67 -3.06
N SER A 409 18.80 5.17 -3.06
CA SER A 409 18.29 4.32 -4.17
C SER A 409 17.63 5.22 -5.23
N LYS A 410 18.40 6.10 -5.86
CA LYS A 410 17.80 7.12 -6.78
C LYS A 410 17.19 6.39 -7.97
N TYR A 411 17.66 5.20 -8.26
CA TYR A 411 17.18 4.37 -9.38
C TYR A 411 15.74 3.86 -9.17
N LYS A 412 15.17 4.01 -7.97
CA LYS A 412 13.82 3.44 -7.67
C LYS A 412 12.77 4.41 -8.18
N LYS A 413 12.60 4.47 -9.48
CA LYS A 413 11.54 5.32 -10.08
C LYS A 413 10.22 4.62 -9.80
N PHE A 414 9.31 5.33 -9.17
CA PHE A 414 7.89 4.95 -9.02
C PHE A 414 7.18 5.25 -10.34
N VAL A 415 6.48 4.27 -10.90
CA VAL A 415 5.67 4.40 -12.14
C VAL A 415 4.20 4.19 -11.81
N ALA A 416 3.36 5.14 -12.18
CA ALA A 416 1.89 5.03 -12.07
C ALA A 416 1.33 5.39 -13.44
N LYS A 417 0.66 4.44 -14.07
CA LYS A 417 0.07 4.58 -15.42
C LYS A 417 -1.39 4.18 -15.37
N ILE A 418 -2.25 5.03 -15.91
CA ILE A 418 -3.68 4.72 -16.08
C ILE A 418 -3.91 4.73 -17.57
N VAL A 419 -4.56 3.69 -18.04
CA VAL A 419 -4.95 3.51 -19.45
C VAL A 419 -6.45 3.64 -19.49
N THR A 420 -6.99 4.56 -20.30
CA THR A 420 -8.46 4.72 -20.42
C THR A 420 -8.95 4.49 -21.86
N ASN A 421 -10.23 4.22 -21.96
CA ASN A 421 -11.03 4.43 -23.19
C ASN A 421 -11.27 5.92 -23.28
N HIS A 422 -10.59 6.63 -24.17
CA HIS A 422 -10.68 8.09 -24.24
C HIS A 422 -12.06 8.55 -24.73
N SER A 423 -12.87 7.69 -25.35
CA SER A 423 -14.25 8.05 -25.80
C SER A 423 -15.15 8.32 -24.59
N ASP A 424 -14.88 7.76 -23.40
CA ASP A 424 -15.79 7.97 -22.25
C ASP A 424 -15.03 8.11 -20.92
N GLY A 425 -13.69 8.04 -20.93
CA GLY A 425 -12.87 8.18 -19.71
C GLY A 425 -12.79 6.90 -18.89
N THR A 426 -13.49 5.80 -19.26
CA THR A 426 -13.49 4.53 -18.49
C THR A 426 -12.05 4.03 -18.29
N VAL A 427 -11.69 3.73 -17.05
CA VAL A 427 -10.31 3.22 -16.77
C VAL A 427 -10.26 1.77 -17.25
N LEU A 428 -9.30 1.46 -18.13
CA LEU A 428 -9.14 0.11 -18.70
C LEU A 428 -8.04 -0.67 -17.98
N GLY A 429 -7.04 0.02 -17.45
CA GLY A 429 -5.92 -0.63 -16.75
C GLY A 429 -5.15 0.39 -15.93
N VAL A 430 -4.58 -0.06 -14.81
CA VAL A 430 -3.73 0.74 -13.89
C VAL A 430 -2.49 -0.10 -13.64
N HIS A 431 -1.31 0.50 -13.76
CA HIS A 431 0.00 -0.23 -13.72
C HIS A 431 0.91 0.59 -12.82
N LEU A 432 1.44 -0.07 -11.78
CA LEU A 432 2.26 0.58 -10.74
C LEU A 432 3.57 -0.17 -10.60
N LEU A 433 4.66 0.58 -10.46
CA LEU A 433 5.95 -0.01 -10.05
C LEU A 433 6.44 0.85 -8.91
N GLY A 434 6.72 0.24 -7.77
CA GLY A 434 7.35 0.94 -6.64
C GLY A 434 6.90 0.32 -5.34
N ASP A 435 7.56 0.69 -4.26
CA ASP A 435 7.22 0.22 -2.90
C ASP A 435 5.71 0.42 -2.72
N GLY A 436 5.00 -0.64 -2.34
CA GLY A 436 3.58 -0.55 -1.96
C GLY A 436 2.61 -0.80 -3.10
N ALA A 437 3.11 -0.93 -4.34
CA ALA A 437 2.28 -1.14 -5.55
C ALA A 437 1.27 -2.27 -5.34
N PRO A 438 1.64 -3.46 -4.80
CA PRO A 438 0.69 -4.56 -4.65
C PRO A 438 -0.46 -4.19 -3.70
N GLU A 439 -0.16 -3.39 -2.67
CA GLU A 439 -1.14 -2.93 -1.68
C GLU A 439 -2.01 -1.85 -2.30
N ILE A 440 -1.41 -0.93 -3.06
CA ILE A 440 -2.15 0.20 -3.69
C ILE A 440 -3.16 -0.36 -4.66
N ILE A 441 -2.77 -1.38 -5.41
CA ILE A 441 -3.60 -1.85 -6.54
C ILE A 441 -4.89 -2.56 -6.10
N GLN A 442 -4.99 -3.14 -4.92
CA GLN A 442 -6.17 -3.98 -4.58
C GLN A 442 -7.47 -3.17 -4.77
N ALA A 443 -7.57 -2.03 -4.10
CA ALA A 443 -8.81 -1.21 -4.12
C ALA A 443 -9.02 -0.63 -5.54
N VAL A 444 -7.97 -0.52 -6.36
CA VAL A 444 -8.09 -0.19 -7.81
C VAL A 444 -8.89 -1.28 -8.52
N GLY A 445 -8.69 -2.55 -8.16
CA GLY A 445 -9.53 -3.65 -8.66
C GLY A 445 -10.99 -3.39 -8.40
N VAL A 446 -11.33 -2.89 -7.22
CA VAL A 446 -12.74 -2.59 -6.90
C VAL A 446 -13.20 -1.44 -7.82
N CYS A 447 -12.35 -0.43 -8.02
CA CYS A 447 -12.68 0.76 -8.86
C CYS A 447 -13.03 0.28 -10.25
N LEU A 448 -12.26 -0.66 -10.78
CA LEU A 448 -12.47 -1.09 -12.18
C LEU A 448 -13.78 -1.89 -12.28
N ARG A 449 -14.10 -2.70 -11.26
N ARG A 449 -14.10 -2.68 -11.26
CA ARG A 449 -15.40 -3.42 -11.17
CA ARG A 449 -15.39 -3.42 -11.13
C ARG A 449 -16.54 -2.38 -11.17
C ARG A 449 -16.54 -2.41 -11.11
N LEU A 450 -16.33 -1.22 -10.53
CA LEU A 450 -17.36 -0.13 -10.50
C LEU A 450 -17.30 0.73 -11.76
N ASN A 451 -16.53 0.37 -12.80
CA ASN A 451 -16.43 1.10 -14.09
C ASN A 451 -15.95 2.54 -13.83
N ALA A 452 -15.00 2.69 -12.94
CA ALA A 452 -14.39 4.00 -12.59
C ALA A 452 -13.86 4.69 -13.85
N LYS A 453 -14.13 5.99 -14.00
CA LYS A 453 -13.50 6.81 -15.06
C LYS A 453 -12.28 7.51 -14.47
N ILE A 454 -11.37 8.00 -15.31
CA ILE A 454 -10.21 8.83 -14.92
C ILE A 454 -10.68 10.01 -14.03
N SER A 455 -11.84 10.62 -14.33
CA SER A 455 -12.41 11.75 -13.54
C SER A 455 -12.84 11.29 -12.13
N ASP A 456 -13.25 10.03 -11.98
CA ASP A 456 -13.49 9.44 -10.64
C ASP A 456 -12.20 9.42 -9.82
N PHE A 457 -11.09 9.09 -10.45
CA PHE A 457 -9.75 9.13 -9.79
C PHE A 457 -9.36 10.59 -9.52
N TYR A 458 -9.37 11.47 -10.53
CA TYR A 458 -8.77 12.82 -10.34
C TYR A 458 -9.67 13.65 -9.42
N ASN A 459 -10.96 13.37 -9.32
CA ASN A 459 -11.88 14.13 -8.42
C ASN A 459 -11.82 13.61 -6.98
N THR A 460 -11.21 12.46 -6.74
CA THR A 460 -11.05 11.91 -5.36
C THR A 460 -9.91 12.69 -4.71
N ILE A 461 -10.06 13.05 -3.44
CA ILE A 461 -9.01 13.81 -2.71
C ILE A 461 -7.87 12.86 -2.36
N GLY A 462 -6.64 13.29 -2.64
CA GLY A 462 -5.43 12.53 -2.31
C GLY A 462 -5.26 12.30 -0.81
N VAL A 463 -4.67 11.16 -0.46
CA VAL A 463 -4.01 10.93 0.85
C VAL A 463 -2.57 11.37 0.70
N HIS A 464 -2.12 12.31 1.52
CA HIS A 464 -0.79 12.93 1.36
C HIS A 464 -0.02 12.77 2.66
N PRO A 465 1.29 12.43 2.64
CA PRO A 465 2.01 12.05 1.43
C PRO A 465 1.98 10.52 1.25
N THR A 466 1.60 10.08 0.05
CA THR A 466 1.64 8.66 -0.37
C THR A 466 2.14 8.58 -1.82
N SER A 467 2.59 7.41 -2.24
CA SER A 467 2.74 7.09 -3.69
C SER A 467 1.35 7.02 -4.33
N ALA A 468 0.39 6.43 -3.63
CA ALA A 468 -0.97 6.12 -4.15
C ALA A 468 -1.68 7.40 -4.65
N GLU A 469 -1.45 8.55 -4.01
CA GLU A 469 -2.13 9.81 -4.40
C GLU A 469 -1.80 10.18 -5.85
N GLU A 470 -0.69 9.69 -6.40
CA GLU A 470 -0.32 9.89 -7.81
C GLU A 470 -1.52 9.55 -8.70
N LEU A 471 -2.24 8.50 -8.36
CA LEU A 471 -3.41 8.00 -9.14
C LEU A 471 -4.56 9.01 -9.16
N CYS A 472 -4.60 9.95 -8.21
CA CYS A 472 -5.69 10.94 -8.08
C CYS A 472 -5.18 12.31 -8.54
N SER A 473 -4.01 12.38 -9.18
CA SER A 473 -3.29 13.64 -9.53
C SER A 473 -3.12 13.81 -11.04
N MET A 474 -3.71 12.94 -11.86
CA MET A 474 -3.43 12.89 -13.32
C MET A 474 -4.73 13.19 -14.07
N ARG A 475 -4.76 14.35 -14.72
CA ARG A 475 -5.95 14.94 -15.38
C ARG A 475 -5.75 15.00 -16.90
N THR A 476 -4.49 15.04 -17.34
CA THR A 476 -4.07 15.32 -18.73
C THR A 476 -3.37 14.07 -19.27
N PRO A 477 -3.88 13.41 -20.34
CA PRO A 477 -3.14 12.33 -20.98
C PRO A 477 -1.70 12.70 -21.31
N SER A 478 -0.77 11.75 -21.17
CA SER A 478 0.65 11.92 -21.58
C SER A 478 0.70 11.63 -23.06
N TYR A 479 -0.14 10.71 -23.53
CA TYR A 479 -0.23 10.38 -24.96
C TYR A 479 -1.43 9.48 -25.18
N TYR A 480 -1.62 9.03 -26.42
CA TYR A 480 -2.87 8.40 -26.91
C TYR A 480 -2.48 7.28 -27.87
N TYR A 481 -3.40 6.34 -28.06
CA TYR A 481 -3.47 5.51 -29.28
C TYR A 481 -4.76 5.89 -30.01
N VAL A 482 -4.66 6.19 -31.30
CA VAL A 482 -5.82 6.45 -32.19
C VAL A 482 -5.81 5.40 -33.30
N LYS A 483 -6.86 4.58 -33.34
CA LYS A 483 -6.97 3.43 -34.27
C LYS A 483 -5.66 2.63 -34.25
N GLY A 484 -5.07 2.47 -33.06
CA GLY A 484 -3.90 1.59 -32.83
C GLY A 484 -2.59 2.34 -32.92
N GLU A 485 -2.59 3.61 -33.31
CA GLU A 485 -1.37 4.41 -33.58
C GLU A 485 -1.03 5.29 -32.36
N LYS A 486 0.19 5.14 -31.84
CA LYS A 486 0.67 5.97 -30.71
C LYS A 486 0.96 7.37 -31.25
N MET A 487 0.49 8.41 -30.55
CA MET A 487 0.73 9.84 -30.87
C MET A 487 0.58 10.69 -29.60
N GLU A 488 1.46 11.67 -29.44
CA GLU A 488 1.44 12.69 -28.36
C GLU A 488 0.04 13.30 -28.22
N LYS A 489 -0.60 13.66 -29.33
CA LYS A 489 -1.79 14.55 -29.32
C LYS A 489 -2.87 13.96 -30.22
N LEU A 490 -4.14 14.21 -29.89
CA LEU A 490 -5.29 13.79 -30.72
C LEU A 490 -5.28 14.62 -32.00
N PRO A 491 -5.76 14.07 -33.15
CA PRO A 491 -6.19 14.89 -34.28
C PRO A 491 -7.45 15.72 -33.97
N LYS B 6 0.24 48.38 -6.66
CA LYS B 6 0.06 47.45 -7.81
C LYS B 6 -1.32 46.81 -7.73
N ALA B 7 -1.90 46.43 -8.87
CA ALA B 7 -3.29 45.93 -8.98
C ALA B 7 -3.31 44.48 -9.45
N PHE B 8 -4.10 43.62 -8.79
CA PHE B 8 -4.17 42.18 -9.11
C PHE B 8 -5.63 41.78 -9.24
N ASP B 9 -5.91 40.77 -10.06
CA ASP B 9 -7.22 40.10 -10.11
C ASP B 9 -7.46 39.37 -8.79
N LEU B 10 -6.38 38.86 -8.19
CA LEU B 10 -6.45 38.00 -6.98
C LEU B 10 -5.20 38.22 -6.17
N VAL B 11 -5.40 38.48 -4.88
CA VAL B 11 -4.28 38.51 -3.90
C VAL B 11 -4.53 37.37 -2.91
N VAL B 12 -3.51 36.54 -2.74
CA VAL B 12 -3.54 35.35 -1.85
C VAL B 12 -2.65 35.65 -0.69
N ILE B 13 -3.23 35.59 0.51
CA ILE B 13 -2.45 35.74 1.76
C ILE B 13 -2.22 34.34 2.30
N GLY B 14 -0.95 33.94 2.29
CA GLY B 14 -0.43 32.61 2.64
C GLY B 14 -0.10 31.81 1.38
N ALA B 15 1.18 31.54 1.18
CA ALA B 15 1.72 30.75 0.05
C ALA B 15 1.79 29.28 0.47
N GLY B 16 0.66 28.72 0.90
CA GLY B 16 0.61 27.35 1.42
C GLY B 16 -0.08 26.41 0.46
N SER B 17 -0.51 25.25 0.96
CA SER B 17 -1.12 24.17 0.13
C SER B 17 -2.28 24.77 -0.67
N GLY B 18 -3.23 25.40 0.01
CA GLY B 18 -4.44 25.93 -0.63
C GLY B 18 -4.12 27.17 -1.44
N GLY B 19 -3.39 28.12 -0.85
CA GLY B 19 -3.03 29.39 -1.46
C GLY B 19 -2.23 29.22 -2.74
N LEU B 20 -1.28 28.29 -2.78
CA LEU B 20 -0.49 28.07 -4.03
C LEU B 20 -1.34 27.41 -5.12
N GLU B 21 -2.16 26.43 -4.79
CA GLU B 21 -3.08 25.78 -5.75
C GLU B 21 -3.97 26.87 -6.38
N ALA B 22 -4.61 27.70 -5.54
CA ALA B 22 -5.56 28.76 -5.96
C ALA B 22 -4.84 29.74 -6.90
N GLY B 23 -3.69 30.25 -6.46
CA GLY B 23 -2.89 31.27 -7.16
C GLY B 23 -2.42 30.77 -8.51
N TRP B 24 -1.86 29.56 -8.53
CA TRP B 24 -1.32 28.90 -9.75
C TRP B 24 -2.46 28.68 -10.74
N ASN B 25 -3.59 28.16 -10.27
CA ASN B 25 -4.77 27.86 -11.11
C ASN B 25 -5.34 29.16 -11.69
N ALA B 26 -5.52 30.18 -10.85
CA ALA B 26 -6.04 31.50 -11.26
C ALA B 26 -5.16 32.03 -12.39
N ALA B 27 -3.84 32.12 -12.16
CA ALA B 27 -2.83 32.63 -13.11
C ALA B 27 -2.80 31.78 -14.39
N THR B 28 -2.55 30.47 -14.28
CA THR B 28 -2.19 29.63 -15.44
C THR B 28 -3.45 29.13 -16.14
N LEU B 29 -4.51 28.75 -15.41
CA LEU B 29 -5.70 28.15 -16.05
C LEU B 29 -6.65 29.27 -16.48
N TYR B 30 -6.80 30.34 -15.71
CA TYR B 30 -7.82 31.38 -16.03
C TYR B 30 -7.13 32.69 -16.45
N GLY B 31 -5.81 32.67 -16.57
CA GLY B 31 -5.04 33.81 -17.10
C GLY B 31 -5.28 35.08 -16.30
N LYS B 32 -5.52 34.97 -14.99
CA LYS B 32 -5.66 36.14 -14.08
C LYS B 32 -4.27 36.59 -13.63
N ARG B 33 -4.13 37.86 -13.24
CA ARG B 33 -2.89 38.46 -12.66
C ARG B 33 -2.97 38.27 -11.14
N VAL B 34 -1.94 37.68 -10.53
CA VAL B 34 -2.06 37.07 -9.18
C VAL B 34 -0.88 37.49 -8.32
N ALA B 35 -1.18 37.98 -7.10
CA ALA B 35 -0.18 38.23 -6.05
C ALA B 35 -0.34 37.19 -4.94
N VAL B 36 0.76 36.72 -4.39
CA VAL B 36 0.78 35.77 -3.23
C VAL B 36 1.73 36.30 -2.19
N VAL B 37 1.31 36.26 -0.92
CA VAL B 37 2.10 36.81 0.21
C VAL B 37 2.40 35.69 1.20
N ASP B 38 3.64 35.67 1.70
CA ASP B 38 4.09 34.77 2.79
C ASP B 38 5.25 35.47 3.50
N VAL B 39 5.54 35.00 4.71
CA VAL B 39 6.31 35.74 5.74
C VAL B 39 7.77 35.30 5.67
N GLN B 40 8.06 34.29 4.86
CA GLN B 40 9.38 33.62 4.83
C GLN B 40 9.53 32.85 3.51
N THR B 41 10.74 32.84 2.93
CA THR B 41 10.97 32.23 1.60
C THR B 41 11.44 30.79 1.79
N SER B 42 11.94 30.47 2.97
CA SER B 42 12.39 29.09 3.28
C SER B 42 12.10 28.74 4.73
N HIS B 43 12.12 27.45 4.98
CA HIS B 43 11.68 26.77 6.23
C HIS B 43 12.45 27.24 7.47
N GLY B 44 11.76 27.18 8.60
CA GLY B 44 12.39 27.16 9.93
C GLY B 44 12.22 28.47 10.69
N PRO B 45 12.89 28.57 11.85
CA PRO B 45 12.79 29.75 12.71
C PRO B 45 13.18 30.99 11.92
N PRO B 46 12.56 32.15 12.21
CA PRO B 46 11.61 32.23 13.33
C PRO B 46 10.13 31.91 13.03
N PHE B 47 9.65 31.86 11.79
CA PHE B 47 8.18 31.74 11.52
C PHE B 47 7.78 30.33 11.08
N TYR B 48 8.74 29.43 10.84
CA TYR B 48 8.54 27.95 10.69
C TYR B 48 7.88 27.64 9.35
N ALA B 49 6.58 27.90 9.22
CA ALA B 49 5.93 27.87 7.89
C ALA B 49 6.51 29.00 7.04
N ALA B 50 6.38 28.88 5.73
CA ALA B 50 7.10 29.69 4.74
C ALA B 50 6.50 29.33 3.40
N LEU B 51 6.99 29.98 2.35
CA LEU B 51 6.71 29.61 0.95
C LEU B 51 6.60 28.09 0.86
N GLY B 52 5.48 27.59 0.37
CA GLY B 52 5.15 26.15 0.31
C GLY B 52 4.07 25.78 1.31
N GLY B 53 3.98 26.45 2.44
CA GLY B 53 2.96 26.19 3.47
C GLY B 53 3.46 25.34 4.61
N THR B 54 2.54 24.92 5.47
CA THR B 54 2.87 24.24 6.74
C THR B 54 3.29 22.82 6.38
N CYS B 55 2.58 22.22 5.44
CA CYS B 55 2.82 20.81 5.02
C CYS B 55 4.28 20.65 4.54
N VAL B 56 4.66 21.48 3.58
CA VAL B 56 6.03 21.47 2.99
C VAL B 56 7.07 21.70 4.08
N ASN B 57 6.85 22.71 4.91
CA ASN B 57 7.91 23.28 5.77
C ASN B 57 7.96 22.57 7.12
N VAL B 58 6.82 22.42 7.82
CA VAL B 58 6.82 21.85 9.19
C VAL B 58 5.56 21.01 9.35
N GLY B 59 5.28 20.15 8.38
CA GLY B 59 4.09 19.29 8.36
C GLY B 59 4.35 17.99 7.61
N CYS B 60 3.44 17.63 6.69
CA CYS B 60 3.33 16.31 6.06
C CYS B 60 4.72 15.90 5.51
N VAL B 61 5.39 16.80 4.80
CA VAL B 61 6.57 16.40 4.00
C VAL B 61 7.69 16.01 4.96
N PRO B 62 8.17 16.92 5.84
CA PRO B 62 9.26 16.56 6.75
C PRO B 62 8.84 15.46 7.73
N LYS B 63 7.61 15.48 8.19
CA LYS B 63 7.22 14.47 9.22
C LYS B 63 7.27 13.08 8.57
N LYS B 64 6.84 12.93 7.33
CA LYS B 64 6.80 11.60 6.66
C LYS B 64 8.23 11.06 6.49
N LEU B 65 9.15 11.94 6.08
CA LEU B 65 10.58 11.57 6.02
C LEU B 65 11.07 11.11 7.39
N MET B 66 10.69 11.81 8.47
CA MET B 66 11.19 11.44 9.80
C MET B 66 10.52 10.17 10.29
N VAL B 67 9.26 9.92 9.93
CA VAL B 67 8.61 8.63 10.29
C VAL B 67 9.29 7.53 9.49
N THR B 68 9.59 7.78 8.21
CA THR B 68 10.32 6.78 7.38
C THR B 68 11.64 6.45 8.12
N GLY B 69 12.37 7.45 8.54
CA GLY B 69 13.59 7.23 9.37
C GLY B 69 13.29 6.41 10.61
N ALA B 70 12.27 6.77 11.37
CA ALA B 70 11.89 6.07 12.61
C ALA B 70 11.59 4.60 12.31
N GLN B 71 10.96 4.30 11.17
CA GLN B 71 10.59 2.91 10.78
C GLN B 71 11.83 1.98 10.75
N TYR B 72 13.05 2.49 10.49
CA TYR B 72 14.24 1.61 10.39
C TYR B 72 14.55 0.94 11.75
N MET B 73 14.19 1.59 12.85
CA MET B 73 14.32 0.94 14.16
C MET B 73 13.64 -0.42 14.12
N ASP B 74 12.44 -0.49 13.54
CA ASP B 74 11.65 -1.74 13.44
C ASP B 74 12.31 -2.65 12.40
N HIS B 75 12.69 -2.13 11.23
CA HIS B 75 13.24 -2.95 10.13
C HIS B 75 14.51 -3.65 10.64
N LEU B 76 15.41 -2.92 11.30
CA LEU B 76 16.72 -3.49 11.76
C LEU B 76 16.43 -4.65 12.71
N ARG B 77 15.55 -4.44 13.69
CA ARG B 77 15.17 -5.50 14.67
C ARG B 77 14.51 -6.69 13.94
N GLU B 78 13.53 -6.41 13.10
CA GLU B 78 12.68 -7.40 12.42
C GLU B 78 13.50 -8.19 11.40
N SER B 79 14.58 -7.60 10.87
CA SER B 79 15.45 -8.25 9.86
C SER B 79 15.96 -9.58 10.43
N ALA B 80 16.18 -9.64 11.74
CA ALA B 80 16.80 -10.83 12.37
C ALA B 80 15.92 -12.06 12.14
N GLY B 81 14.59 -11.97 12.20
CA GLY B 81 13.71 -13.14 11.99
C GLY B 81 13.86 -13.73 10.60
N PHE B 82 14.31 -12.92 9.63
CA PHE B 82 14.51 -13.33 8.21
C PHE B 82 15.99 -13.68 7.96
N GLY B 83 16.79 -13.76 9.03
CA GLY B 83 18.16 -14.29 8.98
C GLY B 83 19.20 -13.21 8.92
N TRP B 84 18.82 -11.95 9.02
CA TRP B 84 19.82 -10.86 8.94
C TRP B 84 20.54 -10.81 10.29
N GLU B 85 21.86 -10.69 10.19
CA GLU B 85 22.81 -10.69 11.32
C GLU B 85 23.71 -9.48 11.15
N PHE B 86 23.86 -8.70 12.21
CA PHE B 86 24.89 -7.65 12.28
C PHE B 86 25.07 -7.31 13.76
N ASP B 87 26.06 -6.48 14.04
CA ASP B 87 26.44 -6.13 15.43
C ASP B 87 25.40 -5.12 15.96
N GLY B 88 24.42 -5.61 16.71
CA GLY B 88 23.35 -4.80 17.32
C GLY B 88 23.92 -3.65 18.14
N SER B 89 25.01 -3.89 18.85
CA SER B 89 25.64 -2.90 19.75
C SER B 89 26.28 -1.77 18.93
N SER B 90 26.49 -1.94 17.62
CA SER B 90 27.08 -0.87 16.77
C SER B 90 25.97 0.11 16.32
N VAL B 91 24.70 -0.20 16.60
CA VAL B 91 23.55 0.54 15.97
C VAL B 91 23.39 1.89 16.67
N LYS B 92 23.39 2.98 15.92
CA LYS B 92 23.06 4.32 16.43
C LYS B 92 22.05 4.94 15.48
N ALA B 93 21.04 5.63 16.02
CA ALA B 93 20.14 6.50 15.25
C ALA B 93 20.69 7.92 15.28
N ASN B 94 21.32 8.35 14.20
CA ASN B 94 21.94 9.69 14.10
C ASN B 94 20.86 10.69 13.69
N TRP B 95 20.24 11.33 14.67
CA TRP B 95 19.21 12.38 14.53
C TRP B 95 19.76 13.59 13.75
N LYS B 96 21.01 13.97 13.96
CA LYS B 96 21.57 15.17 13.26
C LYS B 96 21.49 14.90 11.76
N LYS B 97 21.82 13.68 11.32
CA LYS B 97 21.79 13.33 9.88
C LYS B 97 20.34 13.38 9.39
N LEU B 98 19.41 12.82 10.15
CA LEU B 98 17.99 12.86 9.75
C LEU B 98 17.59 14.32 9.51
N ILE B 99 17.88 15.19 10.47
CA ILE B 99 17.43 16.62 10.44
C ILE B 99 18.09 17.30 9.23
N ALA B 100 19.37 17.05 8.99
CA ALA B 100 20.10 17.62 7.82
C ALA B 100 19.45 17.14 6.51
N ALA B 101 19.19 15.84 6.36
CA ALA B 101 18.53 15.29 5.15
C ALA B 101 17.17 15.96 4.98
N LYS B 102 16.36 16.01 6.05
CA LYS B 102 15.01 16.64 6.01
C LYS B 102 15.15 18.11 5.61
N ASN B 103 16.07 18.83 6.23
CA ASN B 103 16.29 20.26 5.90
C ASN B 103 16.63 20.47 4.42
N GLU B 104 17.48 19.64 3.84
CA GLU B 104 17.87 19.79 2.41
C GLU B 104 16.66 19.54 1.54
N ALA B 105 15.88 18.51 1.86
CA ALA B 105 14.66 18.17 1.11
C ALA B 105 13.70 19.35 1.16
N VAL B 106 13.47 19.92 2.33
CA VAL B 106 12.48 21.03 2.46
C VAL B 106 13.06 22.25 1.73
N LEU B 107 14.33 22.58 1.96
CA LEU B 107 14.93 23.76 1.25
C LEU B 107 14.81 23.60 -0.27
N ASP B 108 15.01 22.38 -0.79
CA ASP B 108 14.93 22.13 -2.26
C ASP B 108 13.52 22.51 -2.71
N ILE B 109 12.49 22.19 -1.91
CA ILE B 109 11.11 22.58 -2.27
C ILE B 109 10.97 24.11 -2.19
N ASN B 110 11.43 24.71 -1.11
CA ASN B 110 11.46 26.19 -0.96
C ASN B 110 12.00 26.80 -2.26
N LYS B 111 13.20 26.37 -2.67
CA LYS B 111 13.92 26.94 -3.84
C LYS B 111 13.09 26.74 -5.10
N SER B 112 12.48 25.58 -5.29
CA SER B 112 11.69 25.31 -6.52
C SER B 112 10.47 26.25 -6.57
N TYR B 113 9.79 26.47 -5.44
CA TYR B 113 8.69 27.47 -5.37
C TYR B 113 9.23 28.85 -5.75
N GLU B 114 10.39 29.27 -5.22
CA GLU B 114 11.08 30.52 -5.62
C GLU B 114 11.17 30.59 -7.15
N GLY B 115 11.73 29.56 -7.78
CA GLY B 115 11.85 29.43 -9.25
C GLY B 115 10.51 29.48 -9.94
N MET B 116 9.48 28.82 -9.39
CA MET B 116 8.09 28.82 -9.94
C MET B 116 7.60 30.27 -10.08
N PHE B 117 7.85 31.14 -9.09
CA PHE B 117 7.39 32.55 -9.07
C PHE B 117 8.15 33.36 -10.13
N ASN B 118 9.42 33.07 -10.38
CA ASN B 118 10.22 33.74 -11.44
C ASN B 118 9.72 33.37 -12.83
N ASP B 119 9.43 32.09 -13.04
CA ASP B 119 9.19 31.48 -14.37
C ASP B 119 7.70 31.56 -14.73
N THR B 120 6.82 31.98 -13.81
CA THR B 120 5.33 32.01 -14.01
C THR B 120 4.88 33.48 -14.14
N GLU B 121 4.69 33.92 -15.37
CA GLU B 121 4.25 35.31 -15.66
C GLU B 121 2.87 35.49 -15.01
N GLY B 122 2.64 36.61 -14.35
CA GLY B 122 1.31 36.96 -13.79
C GLY B 122 1.05 36.26 -12.48
N LEU B 123 2.11 35.72 -11.87
CA LEU B 123 2.13 35.14 -10.50
C LEU B 123 3.31 35.73 -9.75
N ASP B 124 3.06 36.67 -8.85
CA ASP B 124 4.12 37.40 -8.11
C ASP B 124 4.07 37.01 -6.65
N PHE B 125 5.24 36.85 -6.05
CA PHE B 125 5.46 36.61 -4.62
C PHE B 125 5.87 37.91 -3.95
N PHE B 126 5.26 38.25 -2.82
CA PHE B 126 5.69 39.35 -1.93
C PHE B 126 5.99 38.78 -0.55
N LEU B 127 7.14 39.19 0.00
CA LEU B 127 7.61 38.75 1.32
C LEU B 127 7.11 39.72 2.40
N GLY B 128 6.49 39.14 3.43
CA GLY B 128 6.18 39.82 4.70
C GLY B 128 4.78 39.43 5.15
N TRP B 129 4.17 40.28 5.97
CA TRP B 129 2.92 39.97 6.71
C TRP B 129 1.74 40.67 6.05
N GLY B 130 0.85 39.87 5.43
CA GLY B 130 -0.36 40.33 4.74
C GLY B 130 -1.49 40.54 5.73
N SER B 131 -2.20 41.65 5.57
CA SER B 131 -3.43 41.99 6.34
C SER B 131 -4.35 42.80 5.43
N LEU B 132 -5.59 42.98 5.84
CA LEU B 132 -6.62 43.70 5.06
C LEU B 132 -6.61 45.16 5.53
N GLU B 133 -6.18 46.07 4.67
CA GLU B 133 -6.32 47.53 4.89
C GLU B 133 -7.79 47.89 4.62
N SER B 134 -8.32 47.41 3.50
CA SER B 134 -9.71 47.62 3.02
C SER B 134 -10.10 46.41 2.17
N LYS B 135 -11.33 46.38 1.66
CA LYS B 135 -11.94 45.18 1.02
C LYS B 135 -11.31 44.92 -0.37
N ASN B 136 -10.51 45.85 -0.89
CA ASN B 136 -9.81 45.70 -2.20
C ASN B 136 -8.34 46.07 -2.05
N VAL B 137 -7.81 46.03 -0.84
CA VAL B 137 -6.40 46.42 -0.57
C VAL B 137 -5.84 45.51 0.51
N VAL B 138 -4.81 44.73 0.15
CA VAL B 138 -3.97 43.97 1.10
C VAL B 138 -2.71 44.78 1.38
N VAL B 139 -2.40 45.02 2.63
CA VAL B 139 -1.15 45.69 3.03
C VAL B 139 -0.18 44.60 3.44
N VAL B 140 1.02 44.62 2.87
CA VAL B 140 2.16 43.77 3.32
C VAL B 140 3.06 44.64 4.17
N ARG B 141 3.39 44.14 5.35
CA ARG B 141 4.16 44.84 6.40
C ARG B 141 5.35 43.98 6.82
N GLU B 142 6.25 44.62 7.56
CA GLU B 142 7.57 44.08 7.96
C GLU B 142 7.34 42.94 8.94
N THR B 143 6.44 43.12 9.90
CA THR B 143 6.15 42.17 11.01
C THR B 143 4.62 41.97 11.10
N ALA B 144 4.22 41.01 11.95
CA ALA B 144 2.82 40.70 12.31
C ALA B 144 2.19 41.90 13.03
N ASP B 145 3.01 42.74 13.66
CA ASP B 145 2.55 43.99 14.30
C ASP B 145 2.00 44.92 13.20
N PRO B 146 0.72 45.35 13.29
CA PRO B 146 0.16 46.26 12.28
C PRO B 146 0.76 47.69 12.31
N LYS B 147 1.57 48.03 13.31
CA LYS B 147 2.30 49.32 13.36
C LYS B 147 3.61 49.22 12.57
N SER B 148 4.11 48.01 12.28
CA SER B 148 5.36 47.76 11.50
C SER B 148 5.27 48.41 10.11
N ALA B 149 6.43 48.61 9.48
CA ALA B 149 6.61 49.31 8.20
C ALA B 149 5.87 48.61 7.07
N VAL B 150 5.24 49.41 6.20
CA VAL B 150 4.54 48.95 4.98
C VAL B 150 5.61 48.59 3.95
N LYS B 151 5.48 47.41 3.34
CA LYS B 151 6.40 46.92 2.31
C LYS B 151 5.69 47.11 0.97
N GLU B 152 4.41 46.78 0.92
CA GLU B 152 3.60 46.86 -0.31
C GLU B 152 2.16 47.18 0.06
N ARG B 153 1.42 47.77 -0.88
CA ARG B 153 -0.05 47.89 -0.79
C ARG B 153 -0.59 47.37 -2.12
N LEU B 154 -1.41 46.32 -2.07
CA LEU B 154 -1.79 45.49 -3.23
C LEU B 154 -3.27 45.66 -3.45
N GLN B 155 -3.64 46.32 -4.56
CA GLN B 155 -5.05 46.50 -4.99
C GLN B 155 -5.48 45.15 -5.56
N ALA B 156 -6.60 44.64 -5.06
CA ALA B 156 -7.11 43.28 -5.29
C ALA B 156 -8.58 43.37 -5.62
N ASP B 157 -8.96 42.94 -6.82
CA ASP B 157 -10.37 42.66 -7.17
C ASP B 157 -10.87 41.59 -6.21
N HIS B 158 -10.07 40.56 -5.97
CA HIS B 158 -10.47 39.36 -5.17
C HIS B 158 -9.37 39.03 -4.19
N ILE B 159 -9.74 38.69 -2.95
CA ILE B 159 -8.78 38.44 -1.84
C ILE B 159 -9.08 37.04 -1.29
N LEU B 160 -8.03 36.22 -1.22
CA LEU B 160 -8.13 34.84 -0.69
C LEU B 160 -7.33 34.78 0.60
N LEU B 161 -8.00 34.44 1.70
CA LEU B 161 -7.36 34.22 3.02
C LEU B 161 -6.93 32.75 3.07
N ALA B 162 -5.64 32.47 3.21
CA ALA B 162 -5.09 31.10 3.13
C ALA B 162 -3.89 31.00 4.05
N THR B 163 -4.03 31.54 5.27
CA THR B 163 -2.93 31.68 6.25
C THR B 163 -2.78 30.43 7.13
N GLY B 164 -3.67 29.45 6.95
CA GLY B 164 -3.61 28.15 7.64
C GLY B 164 -3.86 28.26 9.13
N SER B 165 -3.20 27.41 9.90
CA SER B 165 -3.41 27.25 11.35
C SER B 165 -2.07 27.35 12.05
N TRP B 166 -2.11 27.22 13.37
CA TRP B 166 -0.98 27.49 14.27
C TRP B 166 -1.15 26.63 15.52
N PRO B 167 -0.06 26.13 16.14
CA PRO B 167 -0.22 25.25 17.28
C PRO B 167 -0.94 26.01 18.39
N GLN B 168 -1.82 25.31 19.09
CA GLN B 168 -2.49 25.79 20.33
C GLN B 168 -1.57 25.45 21.49
N MET B 169 -1.30 26.42 22.36
CA MET B 169 -0.48 26.21 23.59
C MET B 169 -1.36 26.50 24.79
N PRO B 170 -1.54 25.53 25.73
CA PRO B 170 -2.37 25.80 26.90
C PRO B 170 -1.69 26.88 27.75
N ALA B 171 -2.49 27.82 28.25
CA ALA B 171 -2.06 28.87 29.21
C ALA B 171 -1.88 28.20 30.57
N ILE B 172 -0.79 27.45 30.73
CA ILE B 172 -0.39 26.84 32.03
C ILE B 172 0.89 27.51 32.48
N PRO B 173 1.18 27.53 33.80
CA PRO B 173 2.44 28.05 34.28
C PRO B 173 3.56 27.22 33.64
N GLY B 174 4.58 27.90 33.09
CA GLY B 174 5.75 27.25 32.47
C GLY B 174 5.53 26.83 31.03
N ILE B 175 4.41 27.23 30.42
CA ILE B 175 4.18 27.04 28.95
C ILE B 175 5.44 27.42 28.17
N GLU B 176 6.17 28.47 28.57
CA GLU B 176 7.38 28.94 27.83
C GLU B 176 8.49 27.87 27.82
N HIS B 177 8.48 26.86 28.69
CA HIS B 177 9.49 25.77 28.71
C HIS B 177 9.09 24.62 27.78
N CYS B 178 7.93 24.75 27.10
CA CYS B 178 7.38 23.75 26.17
C CYS B 178 7.55 24.23 24.73
N ILE B 179 7.48 23.30 23.80
CA ILE B 179 7.58 23.54 22.34
C ILE B 179 6.32 22.98 21.67
N SER B 180 6.17 23.25 20.37
CA SER B 180 5.12 22.62 19.53
C SER B 180 5.83 21.76 18.52
N SER B 181 5.08 21.18 17.59
CA SER B 181 5.66 20.45 16.44
C SER B 181 6.66 21.37 15.72
N ASN B 182 6.41 22.69 15.63
CA ASN B 182 7.27 23.62 14.87
C ASN B 182 8.74 23.44 15.31
N GLU B 183 9.01 23.55 16.61
CA GLU B 183 10.36 23.49 17.19
C GLU B 183 10.90 22.06 17.11
N ALA B 184 10.02 21.06 17.14
CA ALA B 184 10.40 19.64 17.20
C ALA B 184 11.22 19.30 15.95
N PHE B 185 10.85 19.90 14.84
CA PHE B 185 11.52 19.72 13.54
C PHE B 185 12.95 20.27 13.55
N TYR B 186 13.35 21.05 14.57
CA TYR B 186 14.65 21.77 14.59
C TYR B 186 15.41 21.47 15.87
N LEU B 187 14.96 20.50 16.67
CA LEU B 187 15.75 20.07 17.84
C LEU B 187 17.11 19.65 17.31
N PRO B 188 18.23 20.14 17.89
CA PRO B 188 19.55 19.83 17.33
C PRO B 188 19.99 18.42 17.71
N GLU B 189 19.49 17.94 18.85
CA GLU B 189 19.78 16.59 19.40
C GLU B 189 18.46 15.90 19.69
N PRO B 190 18.40 14.55 19.61
CA PRO B 190 17.17 13.84 19.89
C PRO B 190 17.01 13.82 21.41
N PRO B 191 15.82 14.19 21.94
CA PRO B 191 15.61 14.18 23.38
C PRO B 191 15.75 12.77 23.97
N ARG B 192 16.35 12.68 25.16
CA ARG B 192 16.46 11.39 25.88
C ARG B 192 15.07 11.04 26.44
N ARG B 193 14.44 12.01 27.09
CA ARG B 193 13.08 11.89 27.65
C ARG B 193 12.24 12.97 26.99
N VAL B 194 11.14 12.55 26.38
CA VAL B 194 10.17 13.50 25.79
C VAL B 194 8.76 13.09 26.21
N LEU B 195 7.99 14.10 26.55
CA LEU B 195 6.53 14.05 26.74
C LEU B 195 5.90 14.69 25.51
N THR B 196 5.12 13.91 24.77
CA THR B 196 4.21 14.48 23.75
C THR B 196 2.85 14.60 24.44
N VAL B 197 2.30 15.79 24.40
CA VAL B 197 0.99 16.15 25.02
C VAL B 197 -0.05 16.21 23.90
N GLY B 198 -1.03 15.32 23.96
CA GLY B 198 -2.09 15.22 22.94
C GLY B 198 -2.25 13.79 22.51
N GLY B 199 -3.47 13.42 22.14
CA GLY B 199 -3.78 12.08 21.64
C GLY B 199 -4.02 12.09 20.14
N GLY B 200 -3.82 13.24 19.47
CA GLY B 200 -4.07 13.40 18.03
C GLY B 200 -2.88 12.89 17.20
N PHE B 201 -3.01 12.97 15.88
CA PHE B 201 -2.03 12.38 14.94
C PHE B 201 -0.65 13.00 15.16
N ILE B 202 -0.56 14.30 15.42
CA ILE B 202 0.77 14.96 15.56
C ILE B 202 1.49 14.41 16.78
N SER B 203 0.85 14.30 17.95
CA SER B 203 1.47 13.72 19.18
C SER B 203 1.94 12.30 18.90
N VAL B 204 1.05 11.50 18.34
CA VAL B 204 1.30 10.06 18.10
C VAL B 204 2.45 9.89 17.08
N GLU B 205 2.45 10.69 16.01
CA GLU B 205 3.48 10.53 14.93
C GLU B 205 4.83 10.92 15.49
N PHE B 206 4.90 12.04 16.20
CA PHE B 206 6.16 12.50 16.84
C PHE B 206 6.58 11.55 17.96
N ALA B 207 5.66 10.95 18.69
CA ALA B 207 6.02 9.97 19.73
C ALA B 207 6.76 8.82 19.05
N GLY B 208 6.30 8.38 17.86
CA GLY B 208 7.01 7.33 17.11
C GLY B 208 8.39 7.77 16.63
N ILE B 209 8.51 9.04 16.18
CA ILE B 209 9.79 9.60 15.67
C ILE B 209 10.79 9.62 16.82
N PHE B 210 10.43 10.25 17.93
CA PHE B 210 11.30 10.38 19.13
C PHE B 210 11.66 9.00 19.67
N ASN B 211 10.74 8.06 19.61
CA ASN B 211 10.99 6.70 20.16
C ASN B 211 12.11 6.01 19.37
N ALA B 212 12.19 6.20 18.06
CA ALA B 212 13.22 5.57 17.20
C ALA B 212 14.60 6.21 17.41
N TYR B 213 14.66 7.52 17.58
CA TYR B 213 15.94 8.28 17.57
C TYR B 213 16.43 8.57 18.99
N LYS B 214 15.68 8.20 20.03
CA LYS B 214 16.08 8.56 21.42
C LYS B 214 17.45 7.94 21.70
N PRO B 215 18.33 8.63 22.46
CA PRO B 215 19.61 8.06 22.86
C PRO B 215 19.40 6.92 23.85
N PRO B 216 20.41 6.04 24.03
CA PRO B 216 20.32 4.93 24.99
C PRO B 216 19.73 5.33 26.35
N GLY B 217 18.89 4.43 26.89
CA GLY B 217 18.12 4.62 28.14
C GLY B 217 17.13 5.77 28.03
N GLY B 218 16.75 6.15 26.81
CA GLY B 218 15.76 7.22 26.61
C GLY B 218 14.36 6.69 26.79
N LYS B 219 13.37 7.57 26.82
CA LYS B 219 11.97 7.15 27.05
C LYS B 219 11.04 8.22 26.48
N VAL B 220 10.09 7.78 25.66
CA VAL B 220 9.01 8.62 25.11
C VAL B 220 7.74 8.37 25.92
N THR B 221 7.18 9.45 26.42
CA THR B 221 5.88 9.47 27.12
C THR B 221 4.94 10.35 26.30
N LEU B 222 3.73 9.83 26.08
CA LEU B 222 2.60 10.53 25.45
C LEU B 222 1.48 10.60 26.47
N CYS B 223 0.95 11.80 26.68
CA CYS B 223 -0.17 11.97 27.61
C CYS B 223 -1.36 12.52 26.84
N TYR B 224 -2.53 12.14 27.30
CA TYR B 224 -3.81 12.51 26.68
C TYR B 224 -4.84 12.60 27.81
N ARG B 225 -5.63 13.65 27.76
CA ARG B 225 -6.59 14.10 28.81
C ARG B 225 -7.75 13.10 28.90
N ASN B 226 -8.06 12.42 27.79
CA ASN B 226 -9.19 11.46 27.71
C ASN B 226 -8.63 10.05 27.79
N ASN B 227 -9.53 9.08 27.69
CA ASN B 227 -9.32 7.66 28.04
C ASN B 227 -8.61 6.91 26.91
N LEU B 228 -8.71 7.36 25.67
CA LEU B 228 -8.25 6.57 24.49
C LEU B 228 -7.76 7.54 23.41
N ILE B 229 -6.52 7.37 22.96
CA ILE B 229 -5.90 8.30 21.98
C ILE B 229 -6.70 8.23 20.67
N LEU B 230 -6.44 9.21 19.81
CA LEU B 230 -6.93 9.28 18.42
C LEU B 230 -8.46 9.28 18.37
N ARG B 231 -9.08 10.14 19.15
N ARG B 231 -9.09 10.16 19.15
CA ARG B 231 -10.53 10.44 19.01
CA ARG B 231 -10.52 10.55 19.01
C ARG B 231 -10.80 10.80 17.55
C ARG B 231 -10.81 10.83 17.53
N GLY B 232 -11.93 10.33 17.02
CA GLY B 232 -12.34 10.56 15.63
C GLY B 232 -12.01 9.36 14.76
N PHE B 233 -11.05 8.52 15.19
CA PHE B 233 -10.65 7.30 14.47
C PHE B 233 -11.47 6.11 14.99
N ASP B 234 -11.45 5.04 14.21
CA ASP B 234 -12.13 3.77 14.52
C ASP B 234 -11.69 3.29 15.91
N GLU B 235 -12.64 2.86 16.73
CA GLU B 235 -12.34 2.53 18.15
C GLU B 235 -11.41 1.32 18.25
N THR B 236 -11.57 0.31 17.39
CA THR B 236 -10.69 -0.90 17.44
C THR B 236 -9.27 -0.44 17.14
N ILE B 237 -9.14 0.42 16.14
CA ILE B 237 -7.81 0.99 15.75
C ILE B 237 -7.23 1.81 16.91
N ARG B 238 -8.03 2.63 17.59
CA ARG B 238 -7.54 3.44 18.74
C ARG B 238 -6.93 2.52 19.80
N GLU B 239 -7.61 1.42 20.11
CA GLU B 239 -7.16 0.45 21.14
C GLU B 239 -5.90 -0.23 20.64
N GLU B 240 -5.87 -0.66 19.37
CA GLU B 240 -4.70 -1.45 18.86
C GLU B 240 -3.49 -0.55 18.75
N VAL B 241 -3.65 0.65 18.20
CA VAL B 241 -2.47 1.55 18.05
C VAL B 241 -1.93 1.87 19.45
N THR B 242 -2.79 2.08 20.45
CA THR B 242 -2.36 2.19 21.87
C THR B 242 -1.48 0.98 22.25
N LYS B 243 -1.95 -0.24 21.99
CA LYS B 243 -1.21 -1.46 22.37
C LYS B 243 0.13 -1.48 21.62
N GLN B 244 0.13 -1.11 20.35
CA GLN B 244 1.31 -1.34 19.50
C GLN B 244 2.36 -0.28 19.80
N LEU B 245 1.93 0.93 20.16
CA LEU B 245 2.84 1.99 20.64
C LEU B 245 3.51 1.50 21.93
N THR B 246 2.70 1.02 22.86
CA THR B 246 3.18 0.51 24.17
C THR B 246 4.18 -0.62 23.90
N ALA B 247 3.90 -1.54 22.99
CA ALA B 247 4.79 -2.71 22.81
C ALA B 247 6.14 -2.26 22.23
N ASN B 248 6.20 -1.09 21.58
CA ASN B 248 7.47 -0.54 21.08
C ASN B 248 8.13 0.39 22.11
N GLY B 249 7.64 0.42 23.35
CA GLY B 249 8.34 1.09 24.47
C GLY B 249 7.89 2.50 24.69
N ILE B 250 6.78 2.93 24.10
CA ILE B 250 6.19 4.26 24.40
C ILE B 250 5.22 4.09 25.59
N GLU B 251 5.36 4.98 26.58
CA GLU B 251 4.45 5.09 27.76
C GLU B 251 3.27 6.01 27.40
N ILE B 252 2.08 5.44 27.25
CA ILE B 252 0.80 6.16 26.99
C ILE B 252 0.16 6.43 28.35
N MET B 253 0.16 7.70 28.78
CA MET B 253 -0.54 8.20 30.00
C MET B 253 -1.90 8.79 29.64
N THR B 254 -2.97 8.00 29.67
CA THR B 254 -4.34 8.51 29.38
C THR B 254 -4.95 9.03 30.68
N ASN B 255 -5.99 9.84 30.54
CA ASN B 255 -6.64 10.64 31.62
C ASN B 255 -5.58 11.47 32.35
N GLU B 256 -4.59 11.98 31.64
CA GLU B 256 -3.52 12.80 32.26
C GLU B 256 -3.33 14.05 31.42
N ASN B 257 -3.03 15.17 32.09
CA ASN B 257 -2.80 16.45 31.40
C ASN B 257 -1.88 17.34 32.23
N PRO B 258 -0.91 18.03 31.60
CA PRO B 258 0.02 18.91 32.33
C PRO B 258 -0.72 20.08 32.99
N ALA B 259 -0.45 20.30 34.28
CA ALA B 259 -0.96 21.44 35.07
C ALA B 259 0.07 22.58 35.00
N LYS B 260 1.36 22.24 35.02
CA LYS B 260 2.44 23.25 34.94
C LYS B 260 3.80 22.61 34.62
N VAL B 261 4.72 23.47 34.22
CA VAL B 261 6.12 23.04 33.92
C VAL B 261 7.09 23.99 34.62
N SER B 262 8.07 23.44 35.31
CA SER B 262 9.21 24.21 35.85
C SER B 262 10.50 23.59 35.33
N LEU B 263 11.61 24.35 35.37
CA LEU B 263 12.96 23.87 35.04
C LEU B 263 13.59 23.25 36.29
N ASN B 264 14.02 21.99 36.20
CA ASN B 264 14.92 21.37 37.21
C ASN B 264 16.23 22.16 37.20
N THR B 265 17.13 21.88 38.14
CA THR B 265 18.40 22.65 38.30
C THR B 265 19.29 22.37 37.07
N ASP B 266 19.29 21.14 36.56
CA ASP B 266 20.08 20.73 35.37
C ASP B 266 19.43 21.23 34.07
N GLY B 267 18.29 21.95 34.13
CA GLY B 267 17.66 22.57 32.94
C GLY B 267 16.66 21.66 32.24
N SER B 268 16.49 20.42 32.70
CA SER B 268 15.39 19.51 32.27
C SER B 268 14.05 20.08 32.73
N LYS B 269 12.95 19.57 32.19
CA LYS B 269 11.60 20.07 32.50
C LYS B 269 10.95 19.17 33.55
N HIS B 270 10.47 19.81 34.61
CA HIS B 270 9.69 19.16 35.69
C HIS B 270 8.20 19.34 35.37
N VAL B 271 7.53 18.26 35.02
CA VAL B 271 6.11 18.28 34.60
C VAL B 271 5.24 17.87 35.78
N THR B 272 4.33 18.74 36.19
CA THR B 272 3.26 18.40 37.16
C THR B 272 1.95 18.22 36.39
N PHE B 273 1.41 17.00 36.41
CA PHE B 273 0.09 16.69 35.81
C PHE B 273 -1.03 17.12 36.77
N GLU B 274 -2.22 17.30 36.22
CA GLU B 274 -3.43 17.72 36.96
C GLU B 274 -3.68 16.74 38.09
N SER B 275 -3.42 15.45 37.86
CA SER B 275 -3.55 14.31 38.81
C SER B 275 -2.52 14.42 39.94
N GLY B 276 -1.71 15.48 39.93
CA GLY B 276 -0.62 15.65 40.90
C GLY B 276 0.68 15.00 40.44
N LYS B 277 0.62 13.89 39.70
CA LYS B 277 1.80 13.12 39.21
C LYS B 277 2.88 14.06 38.61
N THR B 278 4.12 13.59 38.57
CA THR B 278 5.28 14.38 38.05
C THR B 278 6.11 13.50 37.13
N LEU B 279 6.80 14.17 36.23
CA LEU B 279 7.63 13.54 35.19
C LEU B 279 8.72 14.52 34.84
N ASP B 280 9.95 14.03 34.84
CA ASP B 280 11.12 14.79 34.36
C ASP B 280 11.43 14.34 32.94
N VAL B 281 11.45 15.31 32.02
CA VAL B 281 11.75 15.10 30.58
C VAL B 281 12.68 16.21 30.08
N ASP B 282 13.28 15.98 28.92
CA ASP B 282 14.22 16.90 28.24
C ASP B 282 13.40 17.87 27.37
N VAL B 283 12.30 17.38 26.81
CA VAL B 283 11.40 18.15 25.91
C VAL B 283 9.95 17.87 26.31
N VAL B 284 9.14 18.91 26.33
CA VAL B 284 7.65 18.84 26.40
C VAL B 284 7.15 19.40 25.07
N MET B 285 6.60 18.51 24.25
CA MET B 285 6.02 18.92 22.94
C MET B 285 4.50 18.93 23.09
N MET B 286 3.93 20.14 23.05
CA MET B 286 2.47 20.38 23.09
C MET B 286 1.92 20.13 21.68
N ALA B 287 1.09 19.11 21.52
CA ALA B 287 0.33 18.86 20.27
C ALA B 287 -1.15 18.65 20.61
N ILE B 288 -1.80 19.66 21.16
CA ILE B 288 -3.19 19.56 21.72
C ILE B 288 -4.18 20.21 20.77
N GLY B 289 -3.71 20.78 19.68
CA GLY B 289 -4.65 21.36 18.71
C GLY B 289 -3.99 22.40 17.84
N ARG B 290 -4.66 22.74 16.78
CA ARG B 290 -4.19 23.79 15.86
C ARG B 290 -5.36 24.72 15.65
N ILE B 291 -5.09 26.03 15.68
CA ILE B 291 -6.15 27.04 15.57
C ILE B 291 -5.90 27.86 14.32
N PRO B 292 -6.99 28.35 13.71
CA PRO B 292 -6.92 29.16 12.49
C PRO B 292 -6.10 30.43 12.73
N ARG B 293 -5.31 30.85 11.74
CA ARG B 293 -4.39 32.01 11.90
C ARG B 293 -5.03 33.26 11.34
N THR B 294 -5.87 33.89 12.15
CA THR B 294 -6.69 35.06 11.75
C THR B 294 -6.28 36.33 12.51
N ASN B 295 -5.55 36.21 13.61
CA ASN B 295 -5.14 37.34 14.50
C ASN B 295 -4.46 38.49 13.75
N ASP B 296 -3.58 38.14 12.81
CA ASP B 296 -2.64 39.08 12.16
C ASP B 296 -3.30 39.73 10.95
N LEU B 297 -4.45 39.22 10.53
CA LEU B 297 -5.03 39.60 9.22
C LEU B 297 -5.80 40.93 9.33
N GLN B 298 -6.02 41.44 10.56
CA GLN B 298 -6.76 42.73 10.77
C GLN B 298 -8.10 42.68 10.04
N LEU B 299 -8.82 41.56 10.18
CA LEU B 299 -10.09 41.37 9.44
C LEU B 299 -11.17 42.32 9.95
N GLY B 300 -11.04 42.87 11.16
CA GLY B 300 -11.87 43.98 11.64
C GLY B 300 -11.92 45.15 10.66
N ASN B 301 -10.92 45.31 9.77
CA ASN B 301 -10.83 46.46 8.83
C ASN B 301 -11.85 46.32 7.71
N VAL B 302 -12.35 45.11 7.48
CA VAL B 302 -13.28 44.86 6.37
C VAL B 302 -14.53 44.15 6.89
N GLY B 303 -14.56 43.73 8.16
CA GLY B 303 -15.78 43.10 8.73
C GLY B 303 -16.05 41.70 8.22
N VAL B 304 -15.00 40.92 7.95
CA VAL B 304 -15.14 39.46 7.61
C VAL B 304 -15.59 38.68 8.85
N LYS B 305 -16.65 37.89 8.73
CA LYS B 305 -17.26 37.22 9.89
C LYS B 305 -16.32 36.09 10.33
N LEU B 306 -15.92 36.10 11.60
CA LEU B 306 -15.17 34.98 12.23
C LEU B 306 -16.11 34.18 13.13
N THR B 307 -15.78 32.91 13.36
CA THR B 307 -16.47 32.06 14.36
C THR B 307 -15.86 32.38 15.72
N PRO B 308 -16.56 32.10 16.84
CA PRO B 308 -15.97 32.27 18.18
C PRO B 308 -14.59 31.61 18.33
N LYS B 309 -14.39 30.47 17.65
CA LYS B 309 -13.10 29.73 17.54
C LYS B 309 -12.00 30.62 16.95
N GLY B 310 -12.36 31.50 16.02
CA GLY B 310 -11.41 32.36 15.28
C GLY B 310 -11.19 31.88 13.85
N GLY B 311 -12.01 30.96 13.35
CA GLY B 311 -11.96 30.53 11.94
C GLY B 311 -12.70 31.51 11.07
N VAL B 312 -12.35 31.62 9.80
CA VAL B 312 -13.16 32.46 8.88
C VAL B 312 -14.40 31.64 8.52
N GLN B 313 -15.58 32.20 8.77
CA GLN B 313 -16.85 31.55 8.39
C GLN B 313 -16.96 31.58 6.88
N VAL B 314 -17.31 30.45 6.28
CA VAL B 314 -17.44 30.35 4.79
C VAL B 314 -18.70 29.55 4.50
N ASP B 315 -19.30 29.85 3.35
CA ASP B 315 -20.34 29.00 2.76
C ASP B 315 -19.61 27.80 2.14
N GLU B 316 -20.35 26.92 1.45
CA GLU B 316 -19.84 25.69 0.83
C GLU B 316 -18.86 26.05 -0.30
N PHE B 317 -19.01 27.24 -0.88
CA PHE B 317 -18.15 27.72 -2.00
C PHE B 317 -16.99 28.55 -1.47
N SER B 318 -16.73 28.51 -0.15
CA SER B 318 -15.55 29.17 0.46
C SER B 318 -15.70 30.72 0.42
N ARG B 319 -16.94 31.22 0.38
CA ARG B 319 -17.21 32.69 0.31
C ARG B 319 -17.37 33.20 1.74
N THR B 320 -16.68 34.28 2.10
CA THR B 320 -16.91 34.98 3.38
C THR B 320 -18.22 35.77 3.21
N ASN B 321 -18.62 36.53 4.24
CA ASN B 321 -19.78 37.45 4.22
C ASN B 321 -19.44 38.68 3.38
N VAL B 322 -18.16 38.88 3.06
CA VAL B 322 -17.73 40.01 2.19
C VAL B 322 -17.51 39.46 0.78
N PRO B 323 -18.26 39.95 -0.24
CA PRO B 323 -18.10 39.45 -1.61
C PRO B 323 -16.68 39.82 -2.08
N ASN B 324 -16.03 38.99 -2.88
CA ASN B 324 -14.64 39.26 -3.34
C ASN B 324 -13.63 38.84 -2.26
N ILE B 325 -14.04 38.37 -1.08
CA ILE B 325 -13.08 37.84 -0.06
C ILE B 325 -13.51 36.41 0.30
N TYR B 326 -12.59 35.49 0.05
CA TYR B 326 -12.80 34.04 0.20
C TYR B 326 -11.79 33.56 1.22
N ALA B 327 -12.05 32.38 1.79
CA ALA B 327 -11.09 31.68 2.67
C ALA B 327 -11.13 30.18 2.34
N ILE B 328 -9.95 29.59 2.25
CA ILE B 328 -9.81 28.12 2.12
C ILE B 328 -8.75 27.62 3.09
N GLY B 329 -8.78 26.30 3.31
CA GLY B 329 -7.77 25.58 4.08
C GLY B 329 -8.04 25.69 5.56
N ASP B 330 -7.02 25.51 6.35
CA ASP B 330 -7.14 25.34 7.82
C ASP B 330 -7.76 26.61 8.41
N ILE B 331 -7.51 27.80 7.87
CA ILE B 331 -8.16 29.07 8.34
C ILE B 331 -9.68 28.91 8.47
N THR B 332 -10.30 27.97 7.72
CA THR B 332 -11.76 27.75 7.76
C THR B 332 -12.09 26.73 8.86
N ASP B 333 -11.09 26.07 9.45
CA ASP B 333 -11.26 25.17 10.63
C ASP B 333 -12.24 24.03 10.34
N ARG B 334 -12.23 23.47 9.15
CA ARG B 334 -13.06 22.30 8.82
C ARG B 334 -12.19 21.03 8.84
N LEU B 335 -11.68 20.57 7.71
CA LEU B 335 -10.72 19.42 7.67
C LEU B 335 -9.32 19.96 7.46
N MET B 336 -8.42 19.80 8.42
CA MET B 336 -7.07 20.37 8.30
C MET B 336 -6.17 19.33 7.62
N LEU B 337 -6.32 19.20 6.30
CA LEU B 337 -5.50 18.30 5.44
C LEU B 337 -5.06 19.09 4.21
N THR B 338 -3.84 18.86 3.74
CA THR B 338 -3.27 19.57 2.58
C THR B 338 -4.14 19.29 1.35
N PRO B 339 -4.50 18.04 1.02
CA PRO B 339 -5.29 17.80 -0.19
C PRO B 339 -6.64 18.49 -0.13
N VAL B 340 -7.20 18.70 1.05
CA VAL B 340 -8.52 19.37 1.14
C VAL B 340 -8.33 20.87 0.86
N ALA B 341 -7.35 21.50 1.49
CA ALA B 341 -6.96 22.89 1.19
C ALA B 341 -6.76 23.06 -0.31
N ILE B 342 -5.98 22.17 -0.91
CA ILE B 342 -5.69 22.19 -2.38
C ILE B 342 -7.03 22.11 -3.13
N ASN B 343 -7.87 21.15 -2.77
CA ASN B 343 -9.19 20.93 -3.41
C ASN B 343 -10.05 22.20 -3.27
N GLU B 344 -10.12 22.79 -2.07
CA GLU B 344 -10.91 24.03 -1.80
C GLU B 344 -10.42 25.16 -2.71
N GLY B 345 -9.10 25.28 -2.86
CA GLY B 345 -8.43 26.30 -3.68
C GLY B 345 -8.84 26.19 -5.12
N ALA B 346 -8.78 24.98 -5.67
CA ALA B 346 -9.17 24.70 -7.07
C ALA B 346 -10.66 25.02 -7.26
N ALA B 347 -11.52 24.59 -6.32
CA ALA B 347 -12.99 24.69 -6.46
C ALA B 347 -13.38 26.17 -6.45
N LEU B 348 -12.68 26.97 -5.65
CA LEU B 348 -12.95 28.42 -5.50
C LEU B 348 -12.64 29.10 -6.83
N VAL B 349 -11.42 28.91 -7.32
CA VAL B 349 -10.94 29.56 -8.59
C VAL B 349 -11.83 29.11 -9.76
N ASP B 350 -12.22 27.83 -9.81
CA ASP B 350 -13.17 27.32 -10.83
C ASP B 350 -14.52 28.06 -10.70
N THR B 351 -14.98 28.30 -9.48
CA THR B 351 -16.26 29.00 -9.22
C THR B 351 -16.13 30.47 -9.65
N VAL B 352 -15.20 31.21 -9.03
CA VAL B 352 -15.02 32.67 -9.17
C VAL B 352 -14.62 33.03 -10.61
N PHE B 353 -13.60 32.39 -11.17
CA PHE B 353 -12.99 32.80 -12.46
C PHE B 353 -13.45 31.89 -13.61
N GLY B 354 -13.97 30.70 -13.32
CA GLY B 354 -14.35 29.74 -14.37
C GLY B 354 -15.84 29.75 -14.70
N ASN B 355 -16.67 30.43 -13.91
CA ASN B 355 -18.15 30.24 -13.83
C ASN B 355 -18.46 28.74 -13.97
N LYS B 356 -17.67 27.90 -13.28
CA LYS B 356 -17.80 26.43 -13.22
C LYS B 356 -17.94 26.11 -11.74
N PRO B 357 -19.14 26.31 -11.17
CA PRO B 357 -19.28 26.44 -9.73
C PRO B 357 -19.05 25.05 -9.09
N ARG B 358 -18.12 24.97 -8.15
CA ARG B 358 -17.75 23.69 -7.51
C ARG B 358 -17.48 23.90 -6.03
N LYS B 359 -18.05 23.01 -5.23
CA LYS B 359 -17.78 22.94 -3.77
C LYS B 359 -17.04 21.63 -3.49
N THR B 360 -16.09 21.70 -2.56
CA THR B 360 -15.31 20.55 -2.06
C THR B 360 -16.26 19.66 -1.27
N ASP B 361 -16.18 18.35 -1.51
CA ASP B 361 -16.91 17.36 -0.69
C ASP B 361 -15.96 17.02 0.46
N HIS B 362 -16.36 17.34 1.69
CA HIS B 362 -15.55 17.12 2.94
C HIS B 362 -15.90 15.75 3.51
N THR B 363 -16.79 15.02 2.84
CA THR B 363 -17.18 13.65 3.23
C THR B 363 -16.29 12.68 2.47
N ARG B 364 -16.04 11.52 3.09
CA ARG B 364 -15.36 10.38 2.43
C ARG B 364 -13.97 10.79 1.98
N VAL B 365 -13.33 11.67 2.73
CA VAL B 365 -11.93 12.07 2.43
C VAL B 365 -11.02 10.99 3.06
N ALA B 366 -10.26 10.30 2.22
CA ALA B 366 -9.22 9.36 2.68
C ALA B 366 -8.13 10.18 3.39
N SER B 367 -7.64 9.68 4.52
CA SER B 367 -6.56 10.30 5.31
C SER B 367 -5.75 9.18 5.98
N ALA B 368 -4.64 9.55 6.58
CA ALA B 368 -3.71 8.62 7.21
C ALA B 368 -3.16 9.22 8.51
N VAL B 369 -2.72 8.33 9.37
CA VAL B 369 -1.81 8.68 10.48
C VAL B 369 -0.54 7.88 10.30
N PHE B 370 0.61 8.56 10.28
CA PHE B 370 1.93 7.91 10.09
C PHE B 370 2.47 7.54 11.45
N SER B 371 1.60 6.83 12.17
CA SER B 371 1.97 6.06 13.35
C SER B 371 2.78 4.88 12.88
N ILE B 372 3.37 4.20 13.83
CA ILE B 372 4.10 2.95 13.61
C ILE B 372 3.41 1.90 14.47
N PRO B 373 2.57 1.02 13.87
CA PRO B 373 2.24 1.07 12.45
C PRO B 373 1.19 2.11 12.10
N PRO B 374 1.04 2.43 10.79
CA PRO B 374 0.18 3.53 10.35
C PRO B 374 -1.30 3.20 10.19
N ILE B 375 -2.10 4.23 10.03
CA ILE B 375 -3.58 4.14 9.89
C ILE B 375 -3.92 4.68 8.52
N GLY B 376 -4.87 4.05 7.84
CA GLY B 376 -5.52 4.65 6.67
C GLY B 376 -7.00 4.54 6.90
N THR B 377 -7.74 5.60 6.63
CA THR B 377 -9.19 5.63 6.94
C THR B 377 -9.86 6.46 5.86
N CYS B 378 -11.11 6.12 5.55
CA CYS B 378 -11.96 6.91 4.64
C CYS B 378 -13.41 6.71 5.11
N GLY B 379 -14.15 7.80 5.34
CA GLY B 379 -15.57 7.75 5.69
C GLY B 379 -15.80 7.59 7.18
N LEU B 380 -16.98 7.11 7.55
CA LEU B 380 -17.56 7.19 8.91
C LEU B 380 -17.07 6.03 9.76
N ILE B 381 -16.76 6.28 11.03
CA ILE B 381 -16.62 5.23 12.06
C ILE B 381 -18.03 4.73 12.42
N GLU B 382 -18.10 3.54 12.97
CA GLU B 382 -19.39 2.83 13.16
C GLU B 382 -20.31 3.63 14.10
N GLU B 383 -19.82 4.10 15.26
CA GLU B 383 -20.58 4.86 16.29
C GLU B 383 -21.34 6.02 15.62
N VAL B 384 -20.69 6.67 14.67
CA VAL B 384 -21.28 7.82 13.92
C VAL B 384 -22.34 7.25 12.97
N ALA B 385 -21.96 6.26 12.15
CA ALA B 385 -22.87 5.65 11.15
C ALA B 385 -24.15 5.20 11.86
N ALA B 386 -24.00 4.63 13.07
CA ALA B 386 -25.04 3.98 13.89
C ALA B 386 -26.10 4.98 14.36
N LYS B 387 -25.79 6.29 14.35
CA LYS B 387 -26.75 7.36 14.71
C LYS B 387 -27.47 7.84 13.44
N GLU B 388 -26.84 7.76 12.28
CA GLU B 388 -27.41 8.30 11.01
C GLU B 388 -28.07 7.18 10.19
N PHE B 389 -28.00 5.92 10.63
CA PHE B 389 -28.52 4.77 9.85
C PHE B 389 -29.15 3.74 10.80
N GLU B 390 -30.32 3.24 10.39
CA GLU B 390 -31.14 2.32 11.20
C GLU B 390 -30.38 1.02 11.44
N LYS B 391 -29.79 0.46 10.39
CA LYS B 391 -29.00 -0.80 10.46
C LYS B 391 -27.60 -0.53 9.88
N VAL B 392 -26.57 -0.82 10.68
CA VAL B 392 -25.16 -0.71 10.26
C VAL B 392 -24.54 -2.10 10.42
N ALA B 393 -23.82 -2.58 9.40
CA ALA B 393 -23.00 -3.80 9.49
C ALA B 393 -21.54 -3.39 9.65
N VAL B 394 -20.81 -4.13 10.48
CA VAL B 394 -19.33 -4.00 10.62
C VAL B 394 -18.70 -5.32 10.20
N TYR B 395 -17.87 -5.25 9.17
CA TYR B 395 -17.02 -6.36 8.68
C TYR B 395 -15.62 -6.10 9.24
N MET B 396 -15.10 -7.03 10.04
CA MET B 396 -13.82 -6.77 10.72
C MET B 396 -12.92 -8.00 10.56
N SER B 397 -11.66 -7.72 10.25
CA SER B 397 -10.55 -8.70 10.19
C SER B 397 -9.41 -8.12 11.01
N SER B 398 -8.97 -8.86 12.02
CA SER B 398 -7.86 -8.43 12.89
C SER B 398 -7.00 -9.64 13.21
N PHE B 399 -5.70 -9.57 12.90
CA PHE B 399 -4.76 -10.71 13.06
C PHE B 399 -3.34 -10.18 12.81
N THR B 400 -2.37 -10.79 13.50
CA THR B 400 -0.91 -10.63 13.24
C THR B 400 -0.62 -11.25 11.87
N PRO B 401 -0.22 -10.48 10.84
CA PRO B 401 0.18 -11.08 9.58
C PRO B 401 1.35 -12.03 9.81
N LEU B 402 1.42 -13.07 8.98
CA LEU B 402 2.50 -14.10 9.03
C LEU B 402 3.90 -13.46 9.15
N MET B 403 4.22 -12.45 8.32
CA MET B 403 5.59 -11.88 8.28
C MET B 403 5.96 -11.38 9.69
N HIS B 404 4.97 -10.96 10.50
CA HIS B 404 5.24 -10.41 11.86
C HIS B 404 5.33 -11.51 12.93
N ASN B 405 4.87 -12.71 12.64
CA ASN B 405 5.24 -13.88 13.46
C ASN B 405 6.72 -14.19 13.23
N ILE B 406 7.22 -14.10 11.99
CA ILE B 406 8.68 -14.30 11.73
C ILE B 406 9.47 -13.08 12.23
N SER B 407 8.98 -11.86 12.03
CA SER B 407 9.77 -10.65 12.36
C SER B 407 10.02 -10.60 13.86
N GLY B 408 9.09 -11.12 14.67
CA GLY B 408 9.15 -11.02 16.14
C GLY B 408 8.25 -9.92 16.63
N SER B 409 7.68 -9.10 15.75
CA SER B 409 6.68 -8.07 16.11
C SER B 409 5.26 -8.66 16.12
N LYS B 410 5.01 -9.63 16.99
CA LYS B 410 3.74 -10.42 17.01
C LYS B 410 2.58 -9.52 17.45
N TYR B 411 2.89 -8.42 18.10
CA TYR B 411 1.92 -7.38 18.53
C TYR B 411 1.33 -6.60 17.33
N LYS B 412 1.89 -6.72 16.13
CA LYS B 412 1.50 -5.85 15.00
C LYS B 412 0.31 -6.48 14.27
N LYS B 413 -0.85 -6.45 14.91
CA LYS B 413 -2.13 -6.85 14.29
C LYS B 413 -2.49 -5.83 13.23
N PHE B 414 -2.73 -6.30 12.02
CA PHE B 414 -3.41 -5.57 10.93
C PHE B 414 -4.90 -5.58 11.24
N VAL B 415 -5.52 -4.41 11.24
CA VAL B 415 -6.99 -4.26 11.43
C VAL B 415 -7.55 -3.79 10.10
N ALA B 416 -8.51 -4.51 9.52
CA ALA B 416 -9.28 -4.02 8.36
C ALA B 416 -10.75 -4.01 8.75
N LYS B 417 -11.41 -2.84 8.67
CA LYS B 417 -12.85 -2.74 9.04
C LYS B 417 -13.61 -2.00 7.96
N ILE B 418 -14.74 -2.58 7.54
CA ILE B 418 -15.68 -1.93 6.61
C ILE B 418 -16.98 -1.72 7.39
N VAL B 419 -17.48 -0.49 7.36
CA VAL B 419 -18.78 -0.10 7.97
C VAL B 419 -19.76 0.10 6.81
N THR B 420 -20.94 -0.52 6.87
CA THR B 420 -21.96 -0.39 5.79
C THR B 420 -23.30 0.06 6.35
N ASN B 421 -24.05 0.75 5.52
CA ASN B 421 -25.52 0.82 5.62
C ASN B 421 -26.03 -0.58 5.25
N HIS B 422 -26.36 -1.42 6.23
CA HIS B 422 -26.80 -2.84 6.00
C HIS B 422 -28.09 -2.93 5.17
N SER B 423 -28.89 -1.87 5.09
CA SER B 423 -30.15 -1.84 4.31
C SER B 423 -29.86 -2.03 2.82
N ASP B 424 -28.78 -1.43 2.29
CA ASP B 424 -28.44 -1.56 0.85
C ASP B 424 -26.98 -1.96 0.61
N GLY B 425 -26.16 -2.19 1.64
CA GLY B 425 -24.77 -2.64 1.51
C GLY B 425 -23.76 -1.53 1.24
N THR B 426 -24.21 -0.28 1.13
CA THR B 426 -23.34 0.89 0.79
C THR B 426 -22.28 1.02 1.87
N VAL B 427 -21.02 1.11 1.43
CA VAL B 427 -19.85 1.31 2.33
C VAL B 427 -19.83 2.77 2.80
N LEU B 428 -19.91 2.96 4.11
CA LEU B 428 -19.93 4.27 4.81
C LEU B 428 -18.51 4.63 5.28
N GLY B 429 -17.70 3.61 5.60
CA GLY B 429 -16.37 3.81 6.17
C GLY B 429 -15.48 2.60 5.98
N VAL B 430 -14.20 2.84 5.77
CA VAL B 430 -13.14 1.78 5.75
C VAL B 430 -12.00 2.28 6.63
N HIS B 431 -11.52 1.44 7.52
CA HIS B 431 -10.56 1.80 8.60
C HIS B 431 -9.50 0.71 8.65
N LEU B 432 -8.25 1.11 8.44
CA LEU B 432 -7.11 0.19 8.32
C LEU B 432 -6.05 0.58 9.34
N LEU B 433 -5.44 -0.42 9.95
CA LEU B 433 -4.23 -0.20 10.77
C LEU B 433 -3.23 -1.28 10.38
N GLY B 434 -2.00 -0.88 10.07
CA GLY B 434 -0.93 -1.82 9.71
C GLY B 434 -0.11 -1.28 8.55
N ASP B 435 1.05 -1.91 8.30
CA ASP B 435 1.99 -1.53 7.23
C ASP B 435 1.20 -1.40 5.92
N GLY B 436 1.34 -0.29 5.20
CA GLY B 436 0.71 -0.04 3.89
C GLY B 436 -0.65 0.62 3.97
N ALA B 437 -1.21 0.78 5.16
CA ALA B 437 -2.59 1.27 5.33
C ALA B 437 -2.79 2.60 4.59
N PRO B 438 -1.91 3.62 4.68
CA PRO B 438 -2.10 4.87 3.93
C PRO B 438 -2.14 4.68 2.40
N GLU B 439 -1.38 3.71 1.89
CA GLU B 439 -1.30 3.36 0.45
C GLU B 439 -2.55 2.59 0.02
N ILE B 440 -3.05 1.70 0.88
CA ILE B 440 -4.25 0.87 0.58
C ILE B 440 -5.47 1.77 0.44
N ILE B 441 -5.59 2.80 1.30
CA ILE B 441 -6.86 3.52 1.52
C ILE B 441 -7.13 4.49 0.37
N GLN B 442 -6.13 4.88 -0.42
CA GLN B 442 -6.28 5.94 -1.44
C GLN B 442 -7.34 5.50 -2.45
N ALA B 443 -7.17 4.32 -3.06
CA ALA B 443 -8.12 3.83 -4.07
C ALA B 443 -9.45 3.49 -3.37
N VAL B 444 -9.47 3.33 -2.05
CA VAL B 444 -10.74 3.16 -1.31
C VAL B 444 -11.53 4.47 -1.37
N GLY B 445 -10.84 5.62 -1.33
CA GLY B 445 -11.49 6.91 -1.51
C GLY B 445 -12.25 6.97 -2.82
N VAL B 446 -11.68 6.40 -3.87
CA VAL B 446 -12.32 6.39 -5.21
C VAL B 446 -13.57 5.48 -5.14
N CYS B 447 -13.45 4.33 -4.48
CA CYS B 447 -14.57 3.35 -4.33
C CYS B 447 -15.78 4.05 -3.67
N LEU B 448 -15.55 4.81 -2.61
CA LEU B 448 -16.63 5.44 -1.80
C LEU B 448 -17.25 6.57 -2.60
N ARG B 449 -16.45 7.25 -3.42
CA ARG B 449 -16.98 8.27 -4.37
C ARG B 449 -17.91 7.58 -5.37
N LEU B 450 -17.67 6.30 -5.69
CA LEU B 450 -18.51 5.53 -6.66
C LEU B 450 -19.61 4.75 -5.92
N ASN B 451 -19.88 5.07 -4.65
CA ASN B 451 -21.00 4.48 -3.88
C ASN B 451 -20.83 2.95 -3.85
N ALA B 452 -19.59 2.48 -3.70
CA ALA B 452 -19.26 1.05 -3.54
C ALA B 452 -20.11 0.47 -2.40
N LYS B 453 -20.61 -0.74 -2.63
CA LYS B 453 -21.25 -1.64 -1.65
C LYS B 453 -20.24 -2.72 -1.26
N ILE B 454 -20.51 -3.40 -0.14
CA ILE B 454 -19.64 -4.47 0.39
C ILE B 454 -19.54 -5.57 -0.66
N SER B 455 -20.60 -5.76 -1.45
CA SER B 455 -20.63 -6.78 -2.52
C SER B 455 -19.59 -6.39 -3.60
N ASP B 456 -19.35 -5.10 -3.86
CA ASP B 456 -18.34 -4.67 -4.86
C ASP B 456 -16.93 -5.04 -4.36
N PHE B 457 -16.69 -4.89 -3.06
CA PHE B 457 -15.43 -5.31 -2.42
C PHE B 457 -15.26 -6.82 -2.48
N TYR B 458 -16.22 -7.60 -1.99
N TYR B 458 -16.23 -7.56 -1.96
CA TYR B 458 -16.00 -9.07 -1.82
CA TYR B 458 -16.14 -9.04 -1.82
C TYR B 458 -16.13 -9.80 -3.16
C TYR B 458 -15.96 -9.67 -3.19
N ASN B 459 -16.69 -9.18 -4.20
CA ASN B 459 -16.70 -9.78 -5.55
C ASN B 459 -15.45 -9.42 -6.35
N THR B 460 -14.65 -8.48 -5.87
CA THR B 460 -13.33 -8.19 -6.47
C THR B 460 -12.36 -9.30 -6.07
N ILE B 461 -11.60 -9.77 -7.03
CA ILE B 461 -10.58 -10.81 -6.80
C ILE B 461 -9.40 -10.17 -6.05
N GLY B 462 -8.96 -10.85 -4.99
CA GLY B 462 -7.84 -10.43 -4.16
C GLY B 462 -6.54 -10.42 -4.95
N VAL B 463 -5.62 -9.55 -4.53
CA VAL B 463 -4.17 -9.64 -4.87
C VAL B 463 -3.53 -10.33 -3.70
N HIS B 464 -2.81 -11.39 -3.94
CA HIS B 464 -2.31 -12.27 -2.88
C HIS B 464 -0.86 -12.53 -3.15
N PRO B 465 -0.01 -12.50 -2.11
CA PRO B 465 -0.43 -12.19 -0.75
C PRO B 465 -0.26 -10.69 -0.46
N THR B 466 -1.29 -10.08 0.10
CA THR B 466 -1.25 -8.67 0.54
C THR B 466 -2.05 -8.53 1.83
N SER B 467 -1.83 -7.45 2.55
CA SER B 467 -2.79 -7.00 3.58
C SER B 467 -4.10 -6.55 2.91
N ALA B 468 -4.04 -5.83 1.79
CA ALA B 468 -5.21 -5.17 1.17
C ALA B 468 -6.27 -6.22 0.84
N GLU B 469 -5.89 -7.43 0.45
CA GLU B 469 -6.88 -8.43 0.00
C GLU B 469 -7.87 -8.73 1.14
N GLU B 470 -7.56 -8.44 2.41
CA GLU B 470 -8.55 -8.58 3.50
C GLU B 470 -9.85 -7.84 3.13
N LEU B 471 -9.74 -6.67 2.50
CA LEU B 471 -10.91 -5.81 2.14
C LEU B 471 -11.86 -6.55 1.20
N CYS B 472 -11.36 -7.53 0.44
CA CYS B 472 -12.10 -8.21 -0.65
C CYS B 472 -12.44 -9.66 -0.24
N SER B 473 -12.23 -10.00 1.02
CA SER B 473 -12.43 -11.35 1.59
C SER B 473 -13.52 -11.36 2.68
N MET B 474 -14.24 -10.26 2.89
CA MET B 474 -15.23 -10.15 3.99
C MET B 474 -16.65 -10.15 3.39
N ARG B 475 -17.31 -11.29 3.58
CA ARG B 475 -18.63 -11.74 3.05
C ARG B 475 -19.71 -11.51 4.13
N THR B 476 -19.34 -11.67 5.40
CA THR B 476 -20.25 -11.82 6.56
C THR B 476 -19.95 -10.78 7.64
N PRO B 477 -20.94 -9.96 8.06
CA PRO B 477 -20.73 -9.00 9.15
C PRO B 477 -20.18 -9.67 10.43
N SER B 478 -19.29 -9.00 11.16
CA SER B 478 -18.78 -9.40 12.50
C SER B 478 -19.83 -9.07 13.56
N TYR B 479 -20.59 -7.99 13.37
CA TYR B 479 -21.67 -7.52 14.28
C TYR B 479 -22.45 -6.39 13.60
N TYR B 480 -23.46 -5.87 14.27
CA TYR B 480 -24.39 -4.87 13.69
C TYR B 480 -24.62 -3.78 14.72
N TYR B 481 -25.11 -2.65 14.25
CA TYR B 481 -25.84 -1.63 15.01
C TYR B 481 -27.25 -1.58 14.45
N VAL B 482 -28.23 -1.76 15.33
CA VAL B 482 -29.67 -1.62 14.96
C VAL B 482 -30.22 -0.51 15.85
N LYS B 483 -30.66 0.58 15.21
CA LYS B 483 -31.14 1.86 15.83
C LYS B 483 -30.19 2.28 16.94
N GLY B 484 -28.88 2.34 16.65
CA GLY B 484 -27.82 2.82 17.56
C GLY B 484 -27.33 1.77 18.54
N GLU B 485 -27.95 0.59 18.59
CA GLU B 485 -27.62 -0.47 19.57
C GLU B 485 -26.82 -1.57 18.89
N LYS B 486 -25.66 -1.90 19.45
CA LYS B 486 -24.75 -2.96 18.93
C LYS B 486 -25.37 -4.34 19.20
N MET B 487 -25.43 -5.21 18.19
CA MET B 487 -25.94 -6.60 18.30
C MET B 487 -24.84 -7.56 17.84
N GLU B 488 -24.25 -8.62 18.44
CA GLU B 488 -23.62 -9.85 17.90
C GLU B 488 -24.57 -10.53 16.90
PA FAD C . -2.80 -25.72 -6.38
O1A FAD C . -2.84 -24.66 -5.34
O2A FAD C . -1.56 -25.82 -7.22
O5B FAD C . -3.20 -27.11 -5.74
C5B FAD C . -3.00 -28.32 -6.53
C4B FAD C . -2.86 -29.48 -5.58
O4B FAD C . -3.19 -30.71 -6.27
C3B FAD C . -1.45 -29.68 -5.01
O3B FAD C . -1.54 -29.57 -3.60
C2B FAD C . -1.04 -31.10 -5.48
O2B FAD C . -0.40 -31.80 -4.44
C1B FAD C . -2.40 -31.74 -5.77
N9A FAD C . -2.41 -32.80 -6.78
C8A FAD C . -1.94 -32.79 -8.07
N7A FAD C . -2.18 -33.91 -8.69
C5A FAD C . -2.90 -34.68 -7.79
C6A FAD C . -3.49 -35.95 -7.86
N6A FAD C . -3.44 -36.72 -8.94
N1A FAD C . -4.17 -36.39 -6.79
C2A FAD C . -4.24 -35.61 -5.71
N3A FAD C . -3.71 -34.39 -5.52
C4A FAD C . -3.06 -33.99 -6.61
N1 FAD C . -0.31 -16.81 -7.23
C2 FAD C . -0.69 -15.64 -6.69
O2 FAD C . -1.88 -15.30 -6.74
N3 FAD C . 0.18 -14.82 -6.05
C4 FAD C . 1.53 -15.11 -5.95
O4 FAD C . 2.29 -14.34 -5.36
C4X FAD C . 1.96 -16.36 -6.49
N5 FAD C . 3.24 -16.70 -6.40
C5X FAD C . 3.59 -17.93 -6.91
C6 FAD C . 4.94 -18.34 -6.80
C7 FAD C . 5.37 -19.56 -7.25
C7M FAD C . 6.84 -19.92 -7.11
C8 FAD C . 4.44 -20.45 -7.82
C8M FAD C . 4.88 -21.80 -8.30
C9 FAD C . 3.12 -20.04 -7.99
C9A FAD C . 2.67 -18.79 -7.52
N10 FAD C . 1.35 -18.37 -7.63
C10 FAD C . 0.95 -17.15 -7.14
C1' FAD C . 0.36 -19.23 -8.31
C2' FAD C . -0.45 -20.06 -7.38
O2' FAD C . 0.39 -20.90 -6.57
C3' FAD C . -1.42 -20.91 -8.20
O3' FAD C . -2.12 -20.12 -9.15
C4' FAD C . -2.46 -21.66 -7.38
O4' FAD C . -1.83 -22.42 -6.34
C5' FAD C . -3.28 -22.60 -8.23
O5' FAD C . -4.29 -23.18 -7.39
P FAD C . -5.05 -24.51 -7.87
O1P FAD C . -5.04 -24.45 -9.36
O2P FAD C . -6.27 -24.58 -7.02
O3P FAD C . -3.99 -25.62 -7.43
S DMS D . 25.67 2.16 7.31
O DMS D . 26.35 2.92 8.45
C1 DMS D . 24.03 1.77 7.86
C2 DMS D . 26.31 0.51 7.30
S DMS E . 9.70 -8.72 -26.50
O DMS E . 9.97 -7.32 -25.97
C1 DMS E . 7.93 -8.90 -26.60
C2 DMS E . 10.05 -9.86 -25.18
S DMS F . 6.77 -34.56 4.08
O DMS F . 5.96 -35.16 2.97
C1 DMS F . 8.30 -35.45 4.13
C2 DMS F . 6.08 -35.20 5.60
S DMS G . -0.48 -10.23 -16.18
O DMS G . -0.93 -11.64 -15.86
C1 DMS G . -1.68 -9.57 -17.33
C2 DMS G . 0.87 -10.42 -17.32
S DMS H . 23.36 -0.23 -4.87
O DMS H . 23.75 -0.81 -3.54
C1 DMS H . 23.13 1.53 -4.64
C2 DMS H . 21.67 -0.68 -5.14
S DMS I . -9.35 0.65 -33.83
O DMS I . -10.67 0.19 -33.25
C1 DMS I . -9.45 0.43 -35.59
C2 DMS I . -8.16 -0.64 -33.47
S DMS J . 0.87 -32.91 9.95
O DMS J . 2.37 -32.82 9.71
C1 DMS J . 0.15 -31.52 9.10
C2 DMS J . 0.60 -32.39 11.62
N1 AWD K . 3.41 14.05 -7.60
N3 AWD K . 8.17 14.26 -6.16
C4 AWD K . 5.39 13.50 -6.27
C5 AWD K . 4.11 14.30 -6.33
C6 AWD K . 7.59 14.09 -7.38
C7 AWD K . 9.50 14.64 -5.92
C8 AWD K . 10.48 13.68 -5.67
C10 AWD K . 12.10 15.37 -5.41
C1 AWD K . 2.12 14.76 -7.64
C2 AWD K . 4.28 14.43 -8.71
C3 AWD K . 5.56 13.63 -8.69
N2 AWD K . 6.26 13.79 -7.42
O1 AWD K . 8.26 14.19 -8.41
C9 AWD K . 11.78 14.04 -5.41
C11 AWD K . 11.19 16.36 -5.65
C12 AWD K . 9.87 15.99 -5.91
F1 AWD K . 13.39 15.73 -5.15
MG MG L . -14.23 -33.83 8.85
PA FAD M . -0.70 26.39 5.17
O1A FAD M . -0.37 26.27 6.62
O2A FAD M . -0.16 25.35 4.24
O5B FAD M . -0.16 27.78 4.63
C5B FAD M . -0.41 29.04 5.33
C4B FAD M . 0.74 29.96 4.99
O4B FAD M . 0.42 31.33 5.35
C3B FAD M . 2.08 29.66 5.70
O3B FAD M . 3.08 29.45 4.71
C2B FAD M . 2.34 30.89 6.59
O2B FAD M . 3.71 31.24 6.69
C1B FAD M . 1.57 31.96 5.85
N9A FAD M . 1.06 33.05 6.64
C8A FAD M . 0.39 32.99 7.83
N7A FAD M . -0.01 34.17 8.22
C5A FAD M . 0.40 35.04 7.22
C6A FAD M . 0.28 36.43 7.02
N6A FAD M . -0.36 37.25 7.85
N1A FAD M . 0.83 36.95 5.90
C2A FAD M . 1.45 36.14 5.03
N3A FAD M . 1.61 34.82 5.11
C4A FAD M . 1.05 34.34 6.23
N1 FAD M . -1.95 17.24 6.24
C2 FAD M . -2.00 16.16 5.46
O2 FAD M . -2.83 16.11 4.53
N3 FAD M . -1.15 15.10 5.64
C4 FAD M . -0.23 15.06 6.64
O4 FAD M . 0.51 14.11 6.75
C4X FAD M . -0.14 16.20 7.47
N5 FAD M . 0.76 16.22 8.42
C5X FAD M . 0.84 17.35 9.20
C6 FAD M . 1.82 17.39 10.21
C7 FAD M . 1.96 18.49 11.03
C7M FAD M . 3.02 18.49 12.09
C8 FAD M . 1.14 19.63 10.80
C8M FAD M . 1.28 20.87 11.65
C9 FAD M . 0.17 19.59 9.84
C9A FAD M . 0.01 18.47 9.00
N10 FAD M . -0.97 18.37 8.00
C10 FAD M . -1.06 17.26 7.21
C1' FAD M . -1.93 19.47 7.76
C2' FAD M . -1.50 20.36 6.62
O2' FAD M . -0.17 20.82 6.81
C3' FAD M . -2.46 21.55 6.53
O3' FAD M . -3.79 21.08 6.47
C4' FAD M . -2.19 22.43 5.29
O4' FAD M . -0.80 22.79 5.22
C5' FAD M . -3.04 23.67 5.32
O5' FAD M . -2.97 24.32 4.05
P FAD M . -3.45 25.83 3.99
O1P FAD M . -3.44 26.33 2.60
O2P FAD M . -4.67 25.94 4.81
O3P FAD M . -2.26 26.54 4.87
S DMS N . 20.70 -8.91 14.93
O DMS N . 21.96 -9.51 14.35
C1 DMS N . 19.84 -8.16 13.57
C2 DMS N . 21.18 -7.42 15.79
S DMS O . -15.58 47.35 7.70
O DMS O . -16.45 46.68 8.76
C1 DMS O . -14.90 48.84 8.40
C2 DMS O . -16.70 48.12 6.55
S DMS P . 14.52 31.67 7.13
O DMS P . 14.56 32.80 8.09
C1 DMS P . 16.21 31.22 6.82
C2 DMS P . 14.14 32.39 5.54
S DMS Q . 1.28 24.29 -8.19
O DMS Q . 2.42 24.23 -9.17
C1 DMS Q . 1.85 25.18 -6.78
C2 DMS Q . 1.20 22.68 -7.42
BR BR R . -11.96 8.78 24.97
MG MG S . 5.98 35.32 -11.95
#